data_1W3J
#
_entry.id   1W3J
#
_cell.length_a   94.562
_cell.length_b   94.595
_cell.length_c   113.480
_cell.angle_alpha   90.00
_cell.angle_beta   90.00
_cell.angle_gamma   90.00
#
_symmetry.space_group_name_H-M   'P 21 21 21'
#
loop_
_entity.id
_entity.type
_entity.pdbx_description
1 polymer BETA-GLUCOSIDASE
2 non-polymer TETRAHYDROOXAZINE
3 water water
#
_entity_poly.entity_id   1
_entity_poly.type   'polypeptide(L)'
_entity_poly.pdbx_seq_one_letter_code
;MGSSHHHHHHSSGLVPRGSHMASNVKKFPEGFLWGVATASYQIEGSPLADGAGMSIWHTFSHTPGNVKNGDTGDVACDHY
NRWKEDIEIIEKLGVKAYRFSISWPRILPEGTGRVNQKGLDFYNRIIDTLLEKGITPFVTIYHWDLPFALQLKGGWANRE
IADWFAEYSRVLFENFGDRVKNWITLNEPWVVAIVGHLYGVHAPGMRDIYVAFRAVHNLLRAHARAVKVFRETVKDGKIG
IVFNNGYFEPASEKEEDIRAVRFMHQFNNYPLFLNPIYRGDYPELVLEFAREYLPENYKDDMSEIQEKIDFVGLNYYSGH
LVKFDPDAPAKVSFVERDLPKTAMGWEIVPEGIYWILKKVKEEYNPPEVYITENGAAFDDVVSEDGRVHDQNRIDYLKAH
IGQAWKAIQEGVPLKGYFVWSLLDNFEWAEGYSKRFGIVYVDYSTQKRIVKDSGYWYSNVVKNNGLED
;
_entity_poly.pdbx_strand_id   A,B
#
loop_
_chem_comp.id
_chem_comp.type
_chem_comp.name
_chem_comp.formula
OXZ non-polymer TETRAHYDROOXAZINE 'C5 H11 N O4'
#
# COMPACT_ATOMS: atom_id res chain seq x y z
N LYS A 26 13.70 -27.67 -24.86
CA LYS A 26 12.36 -27.34 -25.43
C LYS A 26 12.50 -26.42 -26.64
N LYS A 27 12.51 -27.04 -27.81
CA LYS A 27 12.73 -26.32 -29.06
C LYS A 27 11.38 -25.99 -29.70
N PHE A 28 11.31 -24.80 -30.29
CA PHE A 28 10.09 -24.28 -30.92
C PHE A 28 10.05 -24.61 -32.41
N PRO A 29 8.89 -24.45 -33.09
CA PRO A 29 8.79 -24.77 -34.51
C PRO A 29 9.74 -23.93 -35.34
N GLU A 30 10.10 -24.44 -36.52
CA GLU A 30 10.87 -23.65 -37.48
C GLU A 30 10.10 -22.35 -37.78
N GLY A 31 10.78 -21.23 -37.71
CA GLY A 31 10.17 -19.95 -38.11
C GLY A 31 9.41 -19.22 -37.01
N PHE A 32 9.38 -19.80 -35.80
CA PHE A 32 8.70 -19.20 -34.65
C PHE A 32 9.28 -17.81 -34.39
N LEU A 33 8.38 -16.82 -34.26
CA LEU A 33 8.79 -15.44 -34.04
C LEU A 33 8.99 -15.09 -32.57
N TRP A 34 10.25 -14.84 -32.19
CA TRP A 34 10.58 -14.25 -30.89
C TRP A 34 10.62 -12.74 -31.00
N GLY A 35 9.83 -12.09 -30.16
CA GLY A 35 9.68 -10.65 -30.23
C GLY A 35 9.78 -9.92 -28.90
N VAL A 36 9.85 -8.61 -29.00
CA VAL A 36 9.68 -7.71 -27.86
C VAL A 36 8.59 -6.67 -28.27
N ALA A 37 7.92 -6.12 -27.27
CA ALA A 37 6.80 -5.21 -27.54
C ALA A 37 6.90 -3.91 -26.71
N THR A 38 6.46 -2.81 -27.32
CA THR A 38 6.35 -1.50 -26.67
C THR A 38 5.01 -0.86 -27.05
N ALA A 39 4.77 0.36 -26.56
CA ALA A 39 3.66 1.19 -27.02
C ALA A 39 4.09 2.66 -27.08
N SER A 40 3.56 3.38 -28.06
CA SER A 40 3.94 4.76 -28.39
C SER A 40 4.03 5.71 -27.19
N TYR A 41 2.93 5.85 -26.45
CA TYR A 41 2.90 6.77 -25.30
C TYR A 41 3.81 6.29 -24.14
N GLN A 42 4.00 4.99 -24.01
CA GLN A 42 4.80 4.49 -22.91
C GLN A 42 6.30 4.72 -23.06
N ILE A 43 6.78 4.88 -24.28
CA ILE A 43 8.23 4.99 -24.50
C ILE A 43 8.70 6.25 -25.18
N GLU A 44 7.85 6.84 -26.05
CA GLU A 44 8.30 7.90 -26.96
C GLU A 44 8.68 9.26 -26.33
N GLY A 45 7.87 9.77 -25.40
CA GLY A 45 8.04 11.17 -25.01
C GLY A 45 7.81 12.10 -26.19
N SER A 46 8.05 13.40 -26.01
CA SER A 46 7.83 14.40 -27.07
C SER A 46 6.43 14.27 -27.70
N PRO A 47 5.37 14.27 -26.86
CA PRO A 47 4.01 14.01 -27.38
C PRO A 47 3.52 15.08 -28.31
N LEU A 48 4.02 16.30 -28.18
CA LEU A 48 3.58 17.44 -29.01
C LEU A 48 4.63 17.83 -30.04
N ALA A 49 5.64 17.00 -30.22
CA ALA A 49 6.70 17.30 -31.22
C ALA A 49 6.17 17.23 -32.64
N ASP A 50 6.74 18.06 -33.51
CA ASP A 50 6.52 17.97 -34.97
C ASP A 50 5.07 17.99 -35.42
N GLY A 51 4.27 18.87 -34.83
CA GLY A 51 2.87 19.03 -35.25
C GLY A 51 1.89 17.97 -34.76
N ALA A 52 2.33 17.06 -33.88
CA ALA A 52 1.40 16.08 -33.27
C ALA A 52 0.25 16.73 -32.48
N GLY A 53 -0.96 16.15 -32.59
CA GLY A 53 -2.12 16.55 -31.75
C GLY A 53 -1.97 16.01 -30.34
N MET A 54 -2.58 16.67 -29.36
CA MET A 54 -2.75 16.07 -28.05
C MET A 54 -3.47 14.71 -28.11
N SER A 55 -3.08 13.78 -27.23
CA SER A 55 -3.83 12.56 -26.99
C SER A 55 -4.55 12.63 -25.66
N ILE A 56 -5.48 11.70 -25.45
CA ILE A 56 -6.22 11.63 -24.18
C ILE A 56 -5.29 11.21 -23.01
N TRP A 57 -4.18 10.55 -23.33
CA TRP A 57 -3.21 10.21 -22.27
C TRP A 57 -2.37 11.39 -21.82
N HIS A 58 -2.15 12.31 -22.74
CA HIS A 58 -1.53 13.61 -22.47
C HIS A 58 -2.39 14.41 -21.50
N THR A 59 -3.68 14.55 -21.81
CA THR A 59 -4.54 15.41 -20.99
C THR A 59 -4.86 14.72 -19.67
N PHE A 60 -5.04 13.39 -19.71
CA PHE A 60 -5.29 12.59 -18.50
C PHE A 60 -4.11 12.63 -17.54
N SER A 61 -2.90 12.41 -18.05
CA SER A 61 -1.71 12.40 -17.18
C SER A 61 -1.36 13.81 -16.70
N HIS A 62 -1.77 14.83 -17.45
CA HIS A 62 -1.56 16.23 -16.99
C HIS A 62 -2.65 16.73 -16.04
N THR A 63 -3.57 15.84 -15.68
CA THR A 63 -4.61 16.17 -14.71
C THR A 63 -4.16 15.63 -13.36
N PRO A 64 -3.94 16.53 -12.36
CA PRO A 64 -3.48 16.10 -11.03
C PRO A 64 -4.33 14.99 -10.44
N GLY A 65 -3.66 14.01 -9.86
CA GLY A 65 -4.33 12.93 -9.16
C GLY A 65 -4.60 11.69 -9.98
N ASN A 66 -4.39 11.76 -11.30
CA ASN A 66 -4.71 10.61 -12.17
C ASN A 66 -3.59 9.56 -12.24
N VAL A 67 -2.34 10.01 -12.16
CA VAL A 67 -1.16 9.13 -12.31
C VAL A 67 -0.23 9.23 -11.09
N LYS A 68 0.24 8.08 -10.61
CA LYS A 68 1.21 8.05 -9.51
C LYS A 68 2.32 9.10 -9.69
N ASN A 69 2.62 9.75 -8.57
CA ASN A 69 3.42 10.97 -8.46
C ASN A 69 3.47 11.95 -9.61
N GLY A 70 2.32 12.16 -10.23
CA GLY A 70 2.21 13.17 -11.29
C GLY A 70 3.03 12.85 -12.53
N ASP A 71 3.40 11.57 -12.69
CA ASP A 71 4.21 11.15 -13.86
C ASP A 71 3.41 11.36 -15.15
N THR A 72 4.08 11.70 -16.24
CA THR A 72 3.41 11.79 -17.54
C THR A 72 4.25 11.13 -18.63
N GLY A 73 3.73 11.11 -19.85
CA GLY A 73 4.52 10.63 -20.96
C GLY A 73 5.26 11.72 -21.70
N ASP A 74 5.52 12.84 -21.04
CA ASP A 74 6.22 13.96 -21.69
C ASP A 74 7.62 13.58 -22.19
N VAL A 75 8.35 12.81 -21.38
CA VAL A 75 9.71 12.39 -21.76
C VAL A 75 9.81 10.88 -21.95
N ALA A 76 9.26 10.14 -21.01
CA ALA A 76 9.27 8.67 -21.03
C ALA A 76 10.70 8.14 -21.27
N CYS A 77 10.86 7.23 -22.23
CA CYS A 77 12.18 6.71 -22.63
C CYS A 77 12.91 7.58 -23.67
N ASP A 78 12.33 8.73 -24.02
CA ASP A 78 12.82 9.58 -25.10
C ASP A 78 13.09 8.80 -26.41
N HIS A 79 12.30 7.77 -26.64
CA HIS A 79 12.45 6.92 -27.81
C HIS A 79 12.19 7.71 -29.09
N TYR A 80 11.46 8.81 -28.97
CA TYR A 80 11.22 9.69 -30.11
C TYR A 80 12.54 10.21 -30.71
N ASN A 81 13.56 10.36 -29.85
CA ASN A 81 14.91 10.73 -30.31
C ASN A 81 15.87 9.56 -30.36
N ARG A 82 15.69 8.56 -29.49
CA ARG A 82 16.65 7.44 -29.31
C ARG A 82 16.24 6.14 -29.99
N TRP A 83 15.27 6.23 -30.91
CA TRP A 83 14.73 5.09 -31.61
C TRP A 83 15.82 4.21 -32.29
N LYS A 84 16.80 4.83 -32.94
CA LYS A 84 17.85 4.05 -33.67
C LYS A 84 18.65 3.17 -32.70
N GLU A 85 19.18 3.76 -31.63
CA GLU A 85 19.82 2.98 -30.56
C GLU A 85 18.94 1.83 -30.05
N ASP A 86 17.66 2.11 -29.79
CA ASP A 86 16.75 1.08 -29.28
C ASP A 86 16.59 -0.10 -30.22
N ILE A 87 16.46 0.21 -31.51
CA ILE A 87 16.37 -0.85 -32.50
C ILE A 87 17.71 -1.63 -32.56
N GLU A 88 18.81 -0.89 -32.56
CA GLU A 88 20.15 -1.49 -32.48
C GLU A 88 20.27 -2.46 -31.29
N ILE A 89 19.65 -2.15 -30.16
CA ILE A 89 19.55 -3.10 -29.04
C ILE A 89 18.79 -4.38 -29.42
N ILE A 90 17.68 -4.22 -30.14
CA ILE A 90 16.85 -5.36 -30.59
C ILE A 90 17.71 -6.25 -31.49
N GLU A 91 18.38 -5.64 -32.47
CA GLU A 91 19.28 -6.30 -33.40
C GLU A 91 20.36 -7.09 -32.63
N LYS A 92 21.07 -6.40 -31.73
CA LYS A 92 22.18 -7.00 -30.98
C LYS A 92 21.72 -8.18 -30.12
N LEU A 93 20.47 -8.14 -29.66
CA LEU A 93 19.93 -9.27 -28.92
C LEU A 93 19.47 -10.37 -29.88
N GLY A 94 19.44 -10.05 -31.17
CA GLY A 94 19.00 -11.01 -32.19
C GLY A 94 17.51 -11.34 -32.12
N VAL A 95 16.74 -10.47 -31.47
CA VAL A 95 15.28 -10.58 -31.44
C VAL A 95 14.74 -10.37 -32.85
N LYS A 96 13.78 -11.20 -33.22
CA LYS A 96 13.33 -11.37 -34.59
C LYS A 96 12.16 -10.49 -35.03
N ALA A 97 11.44 -9.97 -34.03
CA ALA A 97 10.21 -9.24 -34.30
C ALA A 97 10.06 -8.16 -33.25
N TYR A 98 9.55 -7.00 -33.67
CA TYR A 98 9.28 -5.90 -32.77
C TYR A 98 7.82 -5.48 -32.93
N ARG A 99 7.09 -5.56 -31.83
CA ARG A 99 5.72 -5.08 -31.81
C ARG A 99 5.76 -3.67 -31.22
N PHE A 100 5.32 -2.70 -32.00
CA PHE A 100 5.22 -1.34 -31.53
C PHE A 100 3.90 -0.72 -31.99
N SER A 101 3.50 0.39 -31.37
CA SER A 101 2.25 1.03 -31.75
C SER A 101 2.50 2.40 -32.34
N ILE A 102 1.52 2.86 -33.11
CA ILE A 102 1.57 4.15 -33.77
C ILE A 102 0.65 5.12 -33.01
N SER A 103 1.15 6.32 -32.73
CA SER A 103 0.37 7.37 -32.11
C SER A 103 -0.57 8.00 -33.13
N TRP A 104 -1.85 7.68 -33.02
CA TRP A 104 -2.87 8.26 -33.89
C TRP A 104 -2.74 9.79 -34.04
N PRO A 105 -2.67 10.55 -32.93
CA PRO A 105 -2.49 12.03 -33.09
C PRO A 105 -1.16 12.52 -33.71
N ARG A 106 -0.12 11.68 -33.84
CA ARG A 106 1.05 12.11 -34.64
C ARG A 106 0.72 12.09 -36.13
N ILE A 107 -0.16 11.17 -36.51
CA ILE A 107 -0.50 10.93 -37.91
C ILE A 107 -1.65 11.85 -38.33
N LEU A 108 -2.72 11.91 -37.53
CA LEU A 108 -3.82 12.80 -37.83
C LEU A 108 -4.06 13.62 -36.57
N PRO A 109 -3.46 14.82 -36.47
CA PRO A 109 -3.50 15.66 -35.24
C PRO A 109 -4.91 15.97 -34.71
N GLU A 110 -5.86 16.09 -35.62
CA GLU A 110 -7.26 16.32 -35.28
C GLU A 110 -8.05 15.01 -35.31
N GLY A 111 -7.38 13.88 -35.49
CA GLY A 111 -8.04 12.58 -35.45
C GLY A 111 -8.50 12.12 -36.82
N THR A 112 -9.13 13.02 -37.56
CA THR A 112 -9.44 12.78 -38.97
C THR A 112 -9.03 13.99 -39.81
N GLY A 113 -9.06 13.84 -41.12
CA GLY A 113 -8.74 14.94 -42.02
C GLY A 113 -7.24 15.00 -42.30
N ARG A 114 -6.59 16.02 -41.76
CA ARG A 114 -5.22 16.39 -42.09
C ARG A 114 -4.22 15.32 -41.67
N VAL A 115 -3.37 14.93 -42.60
CA VAL A 115 -2.30 13.98 -42.33
C VAL A 115 -0.98 14.73 -42.11
N ASN A 116 -0.28 14.34 -41.05
CA ASN A 116 0.96 14.98 -40.64
C ASN A 116 2.15 14.18 -41.19
N GLN A 117 2.82 14.73 -42.20
CA GLN A 117 3.94 14.00 -42.85
C GLN A 117 5.10 13.69 -41.88
N LYS A 118 5.40 14.58 -40.94
CA LYS A 118 6.47 14.33 -39.99
C LYS A 118 6.15 13.14 -39.07
N GLY A 119 4.85 12.89 -38.89
CA GLY A 119 4.41 11.75 -38.11
C GLY A 119 4.67 10.45 -38.84
N LEU A 120 4.29 10.43 -40.11
CA LEU A 120 4.59 9.34 -41.01
C LEU A 120 6.10 9.06 -41.10
N ASP A 121 6.89 10.13 -41.22
CA ASP A 121 8.34 9.99 -41.33
C ASP A 121 8.95 9.30 -40.12
N PHE A 122 8.51 9.69 -38.92
CA PHE A 122 8.96 9.04 -37.67
C PHE A 122 8.84 7.52 -37.71
N TYR A 123 7.68 7.02 -38.13
CA TYR A 123 7.43 5.60 -38.19
C TYR A 123 8.00 4.96 -39.47
N ASN A 124 8.07 5.71 -40.57
CA ASN A 124 8.81 5.22 -41.74
C ASN A 124 10.27 4.84 -41.42
N ARG A 125 10.98 5.72 -40.71
CA ARG A 125 12.38 5.47 -40.36
C ARG A 125 12.52 4.24 -39.49
N ILE A 126 11.63 4.08 -38.51
CA ILE A 126 11.63 2.91 -37.65
C ILE A 126 11.39 1.65 -38.49
N ILE A 127 10.40 1.71 -39.37
CA ILE A 127 10.03 0.56 -40.23
C ILE A 127 11.19 0.15 -41.18
N ASP A 128 11.75 1.13 -41.87
CA ASP A 128 12.85 0.88 -42.80
C ASP A 128 14.02 0.27 -42.06
N THR A 129 14.35 0.85 -40.91
CA THR A 129 15.46 0.41 -40.07
C THR A 129 15.30 -1.03 -39.65
N LEU A 130 14.12 -1.38 -39.15
CA LEU A 130 13.82 -2.75 -38.74
C LEU A 130 14.01 -3.75 -39.87
N LEU A 131 13.46 -3.42 -41.05
CA LEU A 131 13.60 -4.31 -42.20
C LEU A 131 15.06 -4.45 -42.68
N GLU A 132 15.81 -3.34 -42.73
CA GLU A 132 17.25 -3.39 -43.00
C GLU A 132 17.94 -4.40 -42.10
N LYS A 133 17.53 -4.45 -40.84
CA LYS A 133 18.17 -5.32 -39.86
C LYS A 133 17.53 -6.69 -39.74
N GLY A 134 16.59 -6.97 -40.64
CA GLY A 134 15.91 -8.28 -40.63
C GLY A 134 14.97 -8.56 -39.46
N ILE A 135 14.43 -7.48 -38.88
CA ILE A 135 13.44 -7.59 -37.80
C ILE A 135 12.03 -7.36 -38.32
N THR A 136 11.09 -8.22 -37.91
CA THR A 136 9.73 -8.16 -38.44
C THR A 136 8.86 -7.17 -37.66
N PRO A 137 8.36 -6.11 -38.33
CA PRO A 137 7.50 -5.15 -37.62
C PRO A 137 6.09 -5.71 -37.41
N PHE A 138 5.62 -5.66 -36.16
CA PHE A 138 4.21 -5.93 -35.85
C PHE A 138 3.65 -4.60 -35.37
N VAL A 139 2.73 -4.02 -36.13
CA VAL A 139 2.20 -2.68 -35.80
C VAL A 139 0.85 -2.74 -35.09
N THR A 140 0.79 -2.20 -33.88
CA THR A 140 -0.46 -1.99 -33.16
C THR A 140 -1.02 -0.63 -33.57
N ILE A 141 -2.17 -0.65 -34.21
CA ILE A 141 -2.76 0.58 -34.73
C ILE A 141 -3.20 1.51 -33.56
N TYR A 142 -3.83 0.90 -32.57
CA TYR A 142 -4.35 1.64 -31.42
C TYR A 142 -3.92 1.05 -30.10
N HIS A 143 -2.99 1.72 -29.43
CA HIS A 143 -2.60 1.30 -28.08
C HIS A 143 -2.87 2.48 -27.13
N TRP A 144 -4.11 2.99 -27.18
CA TRP A 144 -4.71 3.81 -26.12
C TRP A 144 -4.55 5.32 -26.22
N ASP A 145 -3.67 5.80 -27.09
CA ASP A 145 -3.50 7.27 -27.23
C ASP A 145 -4.43 7.87 -28.27
N LEU A 146 -5.73 7.81 -28.01
CA LEU A 146 -6.70 8.46 -28.86
C LEU A 146 -6.41 9.95 -28.97
N PRO A 147 -6.62 10.55 -30.17
CA PRO A 147 -6.53 12.01 -30.30
C PRO A 147 -7.51 12.68 -29.36
N PHE A 148 -7.02 13.61 -28.55
CA PHE A 148 -7.91 14.43 -27.74
C PHE A 148 -9.10 15.03 -28.56
N ALA A 149 -8.83 15.48 -29.79
CA ALA A 149 -9.87 16.12 -30.60
C ALA A 149 -11.08 15.18 -30.82
N LEU A 150 -10.84 13.87 -30.87
CA LEU A 150 -11.93 12.90 -31.04
C LEU A 150 -12.62 12.62 -29.70
N GLN A 151 -11.85 12.71 -28.60
CA GLN A 151 -12.44 12.57 -27.26
C GLN A 151 -13.45 13.69 -27.00
N LEU A 152 -13.16 14.88 -27.51
CA LEU A 152 -14.13 15.99 -27.39
C LEU A 152 -15.43 15.69 -28.12
N LYS A 153 -15.39 14.81 -29.11
CA LYS A 153 -16.60 14.39 -29.81
C LYS A 153 -17.16 13.05 -29.30
N GLY A 154 -16.73 12.67 -28.10
CA GLY A 154 -17.23 11.47 -27.44
C GLY A 154 -16.27 10.26 -27.42
N GLY A 155 -15.19 10.31 -28.21
CA GLY A 155 -14.27 9.18 -28.33
C GLY A 155 -14.96 7.83 -28.60
N TRP A 156 -14.55 6.79 -27.88
CA TRP A 156 -15.12 5.42 -28.05
C TRP A 156 -16.62 5.33 -27.74
N ALA A 157 -17.17 6.36 -27.10
CA ALA A 157 -18.62 6.45 -26.86
C ALA A 157 -19.44 6.77 -28.13
N ASN A 158 -18.80 7.39 -29.12
CA ASN A 158 -19.49 7.85 -30.32
C ASN A 158 -19.45 6.80 -31.45
N ARG A 159 -20.61 6.39 -31.96
CA ARG A 159 -20.67 5.38 -33.02
C ARG A 159 -19.82 5.77 -34.22
N GLU A 160 -19.68 7.08 -34.43
CA GLU A 160 -18.91 7.58 -35.54
C GLU A 160 -17.41 7.23 -35.48
N ILE A 161 -16.93 6.78 -34.31
CA ILE A 161 -15.54 6.36 -34.21
C ILE A 161 -15.20 5.18 -35.14
N ALA A 162 -16.20 4.40 -35.51
CA ALA A 162 -15.98 3.33 -36.52
C ALA A 162 -15.50 3.93 -37.83
N ASP A 163 -16.10 5.06 -38.23
CA ASP A 163 -15.63 5.84 -39.40
C ASP A 163 -14.26 6.49 -39.20
N TRP A 164 -14.06 7.14 -38.05
CA TRP A 164 -12.77 7.80 -37.75
C TRP A 164 -11.65 6.79 -37.76
N PHE A 165 -11.89 5.63 -37.12
CA PHE A 165 -10.88 4.59 -36.99
C PHE A 165 -10.51 3.96 -38.35
N ALA A 166 -11.55 3.74 -39.17
CA ALA A 166 -11.36 3.19 -40.53
C ALA A 166 -10.49 4.13 -41.39
N GLU A 167 -10.78 5.43 -41.30
CA GLU A 167 -9.97 6.44 -42.00
C GLU A 167 -8.49 6.44 -41.54
N TYR A 168 -8.28 6.47 -40.23
CA TYR A 168 -6.93 6.41 -39.68
C TYR A 168 -6.24 5.11 -40.13
N SER A 169 -6.91 3.98 -39.93
CA SER A 169 -6.35 2.67 -40.36
C SER A 169 -5.95 2.68 -41.84
N ARG A 170 -6.82 3.22 -42.68
CA ARG A 170 -6.60 3.32 -44.11
C ARG A 170 -5.35 4.13 -44.46
N VAL A 171 -5.14 5.25 -43.75
CA VAL A 171 -3.93 6.04 -43.92
C VAL A 171 -2.67 5.22 -43.62
N LEU A 172 -2.71 4.51 -42.50
CA LEU A 172 -1.61 3.62 -42.10
C LEU A 172 -1.31 2.56 -43.16
N PHE A 173 -2.36 1.91 -43.65
CA PHE A 173 -2.23 0.86 -44.65
C PHE A 173 -1.64 1.41 -45.96
N GLU A 174 -2.15 2.55 -46.40
CA GLU A 174 -1.68 3.19 -47.63
C GLU A 174 -0.21 3.59 -47.52
N ASN A 175 0.19 4.05 -46.35
CA ASN A 175 1.54 4.54 -46.16
C ASN A 175 2.56 3.49 -45.80
N PHE A 176 2.18 2.47 -45.04
CA PHE A 176 3.16 1.53 -44.50
C PHE A 176 2.95 0.11 -44.95
N GLY A 177 1.81 -0.15 -45.59
CA GLY A 177 1.39 -1.52 -45.89
C GLY A 177 2.22 -2.19 -46.98
N ASP A 178 3.01 -1.41 -47.72
CA ASP A 178 3.99 -1.97 -48.65
C ASP A 178 5.13 -2.70 -47.92
N ARG A 179 5.40 -2.29 -46.68
CA ARG A 179 6.50 -2.87 -45.87
C ARG A 179 6.04 -3.65 -44.64
N VAL A 180 5.10 -3.08 -43.89
CA VAL A 180 4.51 -3.78 -42.74
C VAL A 180 3.44 -4.75 -43.22
N LYS A 181 3.59 -6.03 -42.87
CA LYS A 181 2.61 -7.06 -43.28
C LYS A 181 1.87 -7.68 -42.11
N ASN A 182 2.19 -7.26 -40.89
CA ASN A 182 1.57 -7.82 -39.72
C ASN A 182 0.99 -6.69 -38.87
N TRP A 183 -0.33 -6.70 -38.68
CA TRP A 183 -1.08 -5.56 -38.16
C TRP A 183 -2.01 -6.05 -37.06
N ILE A 184 -2.20 -5.21 -36.04
CA ILE A 184 -3.08 -5.44 -34.92
C ILE A 184 -3.98 -4.18 -34.80
N THR A 185 -5.29 -4.34 -34.83
CA THR A 185 -6.21 -3.19 -34.80
C THR A 185 -6.17 -2.51 -33.42
N LEU A 186 -6.54 -3.27 -32.39
CA LEU A 186 -6.65 -2.78 -31.00
C LEU A 186 -5.82 -3.59 -30.02
N ASN A 187 -5.16 -2.88 -29.11
CA ASN A 187 -4.60 -3.49 -27.91
C ASN A 187 -5.59 -3.46 -26.77
N GLU A 188 -5.94 -4.65 -26.25
CA GLU A 188 -6.75 -4.81 -25.04
C GLU A 188 -8.00 -3.91 -25.00
N PRO A 189 -8.93 -4.12 -25.94
CA PRO A 189 -10.13 -3.26 -25.90
C PRO A 189 -10.94 -3.39 -24.58
N TRP A 190 -10.82 -4.50 -23.84
CA TRP A 190 -11.49 -4.56 -22.53
C TRP A 190 -10.99 -3.46 -21.61
N VAL A 191 -9.67 -3.32 -21.51
CA VAL A 191 -9.07 -2.25 -20.68
C VAL A 191 -9.54 -0.87 -21.15
N VAL A 192 -9.48 -0.64 -22.47
CA VAL A 192 -9.83 0.65 -23.11
C VAL A 192 -11.23 1.01 -22.63
N ALA A 193 -12.16 0.06 -22.79
CA ALA A 193 -13.58 0.32 -22.43
C ALA A 193 -13.82 0.39 -20.94
N ILE A 194 -13.42 -0.67 -20.20
CA ILE A 194 -13.77 -0.78 -18.78
C ILE A 194 -12.82 0.01 -17.86
N VAL A 195 -11.51 -0.10 -18.05
CA VAL A 195 -10.63 0.67 -17.19
C VAL A 195 -10.73 2.15 -17.54
N GLY A 196 -10.99 2.48 -18.80
CA GLY A 196 -11.03 3.88 -19.23
C GLY A 196 -12.37 4.55 -18.97
N HIS A 197 -13.45 3.78 -19.04
CA HIS A 197 -14.77 4.39 -19.04
C HIS A 197 -15.70 3.93 -17.93
N LEU A 198 -15.33 2.86 -17.20
CA LEU A 198 -16.09 2.39 -16.01
C LEU A 198 -15.34 2.62 -14.71
N TYR A 199 -14.09 2.17 -14.67
CA TYR A 199 -13.28 2.36 -13.46
C TYR A 199 -12.72 3.77 -13.37
N GLY A 200 -12.56 4.41 -14.52
CA GLY A 200 -11.99 5.74 -14.58
C GLY A 200 -10.51 5.86 -14.24
N VAL A 201 -9.79 4.73 -14.24
CA VAL A 201 -8.38 4.82 -13.84
C VAL A 201 -7.43 5.02 -15.02
N HIS A 202 -7.93 4.78 -16.22
CA HIS A 202 -7.19 5.11 -17.44
C HIS A 202 -7.94 6.21 -18.18
N ALA A 203 -7.23 6.93 -19.04
CA ALA A 203 -7.90 7.86 -19.96
C ALA A 203 -9.06 7.18 -20.72
N PRO A 204 -10.17 7.91 -20.96
CA PRO A 204 -10.44 9.31 -20.65
C PRO A 204 -10.92 9.58 -19.21
N GLY A 205 -10.85 8.58 -18.34
CA GLY A 205 -11.18 8.75 -16.95
C GLY A 205 -12.65 8.87 -16.59
N MET A 206 -13.50 8.09 -17.24
CA MET A 206 -14.94 8.14 -16.96
C MET A 206 -15.38 6.99 -16.07
N ARG A 207 -16.52 7.16 -15.42
CA ARG A 207 -17.13 6.10 -14.61
C ARG A 207 -18.60 6.07 -14.96
N ASP A 208 -18.91 5.39 -16.08
CA ASP A 208 -20.29 5.28 -16.51
C ASP A 208 -20.39 3.95 -17.22
N ILE A 209 -21.16 3.04 -16.66
CA ILE A 209 -21.24 1.66 -17.16
C ILE A 209 -21.94 1.59 -18.51
N TYR A 210 -22.86 2.53 -18.79
CA TYR A 210 -23.51 2.59 -20.08
C TYR A 210 -22.55 3.08 -21.18
N VAL A 211 -21.75 4.08 -20.83
CA VAL A 211 -20.69 4.49 -21.76
C VAL A 211 -19.70 3.34 -21.99
N ALA A 212 -19.27 2.68 -20.91
CA ALA A 212 -18.28 1.59 -21.00
C ALA A 212 -18.70 0.49 -21.98
N PHE A 213 -19.96 0.08 -21.92
CA PHE A 213 -20.46 -0.96 -22.84
C PHE A 213 -20.73 -0.47 -24.25
N ARG A 214 -21.10 0.80 -24.42
CA ARG A 214 -21.07 1.35 -25.78
C ARG A 214 -19.66 1.42 -26.33
N ALA A 215 -18.67 1.69 -25.48
CA ALA A 215 -17.27 1.61 -25.93
C ALA A 215 -16.85 0.20 -26.37
N VAL A 216 -17.13 -0.82 -25.55
CA VAL A 216 -16.95 -2.22 -25.97
C VAL A 216 -17.48 -2.43 -27.39
N HIS A 217 -18.72 -2.00 -27.62
CA HIS A 217 -19.42 -2.27 -28.89
C HIS A 217 -18.79 -1.49 -30.06
N ASN A 218 -18.54 -0.22 -29.82
CA ASN A 218 -17.84 0.62 -30.83
C ASN A 218 -16.41 0.16 -31.19
N LEU A 219 -15.71 -0.36 -30.20
CA LEU A 219 -14.35 -0.89 -30.41
C LEU A 219 -14.42 -2.06 -31.39
N LEU A 220 -15.39 -2.95 -31.19
CA LEU A 220 -15.70 -4.00 -32.17
C LEU A 220 -16.03 -3.48 -33.56
N ARG A 221 -16.94 -2.51 -33.65
CA ARG A 221 -17.34 -2.02 -34.95
C ARG A 221 -16.17 -1.37 -35.64
N ALA A 222 -15.37 -0.63 -34.87
CA ALA A 222 -14.20 0.07 -35.43
C ALA A 222 -13.15 -0.97 -35.87
N HIS A 223 -12.90 -1.98 -35.04
CA HIS A 223 -11.98 -3.08 -35.42
C HIS A 223 -12.41 -3.68 -36.75
N ALA A 224 -13.70 -4.00 -36.87
CA ALA A 224 -14.18 -4.67 -38.09
C ALA A 224 -14.08 -3.77 -39.33
N ARG A 225 -14.35 -2.48 -39.20
CA ARG A 225 -14.19 -1.56 -40.32
C ARG A 225 -12.75 -1.53 -40.78
N ALA A 226 -11.82 -1.51 -39.82
CA ALA A 226 -10.41 -1.46 -40.13
C ALA A 226 -10.00 -2.74 -40.87
N VAL A 227 -10.41 -3.92 -40.41
CA VAL A 227 -10.14 -5.19 -41.14
C VAL A 227 -10.68 -5.14 -42.59
N LYS A 228 -11.93 -4.69 -42.74
CA LYS A 228 -12.58 -4.53 -44.06
C LYS A 228 -11.75 -3.63 -45.02
N VAL A 229 -11.30 -2.47 -44.55
CA VAL A 229 -10.45 -1.62 -45.39
C VAL A 229 -9.04 -2.22 -45.63
N PHE A 230 -8.52 -2.95 -44.64
CA PHE A 230 -7.24 -3.66 -44.81
C PHE A 230 -7.26 -4.60 -46.04
N ARG A 231 -8.35 -5.34 -46.22
CA ARG A 231 -8.54 -6.24 -47.38
C ARG A 231 -8.58 -5.55 -48.74
N GLU A 232 -8.96 -4.26 -48.77
CA GLU A 232 -8.91 -3.45 -49.98
C GLU A 232 -7.56 -2.79 -50.20
N THR A 233 -6.72 -2.75 -49.17
CA THR A 233 -5.57 -1.87 -49.20
C THR A 233 -4.25 -2.62 -49.17
N VAL A 234 -4.22 -3.77 -48.51
CA VAL A 234 -2.99 -4.51 -48.31
C VAL A 234 -3.30 -5.95 -48.62
N LYS A 235 -3.30 -6.27 -49.92
CA LYS A 235 -3.73 -7.62 -50.33
C LYS A 235 -2.81 -8.81 -49.91
N ASP A 236 -1.57 -8.53 -49.45
CA ASP A 236 -0.64 -9.58 -48.94
C ASP A 236 -0.36 -9.58 -47.43
N GLY A 237 -1.07 -8.78 -46.66
CA GLY A 237 -0.81 -8.75 -45.21
C GLY A 237 -1.70 -9.63 -44.36
N LYS A 238 -1.39 -9.69 -43.07
CA LYS A 238 -2.25 -10.31 -42.07
C LYS A 238 -2.59 -9.32 -40.95
N ILE A 239 -3.84 -9.43 -40.49
CA ILE A 239 -4.36 -8.52 -39.45
C ILE A 239 -5.09 -9.27 -38.35
N GLY A 240 -4.91 -8.82 -37.10
CA GLY A 240 -5.54 -9.46 -35.96
C GLY A 240 -5.85 -8.41 -34.90
N ILE A 241 -5.99 -8.87 -33.68
CA ILE A 241 -6.43 -8.06 -32.56
C ILE A 241 -5.91 -8.70 -31.27
N VAL A 242 -5.63 -7.87 -30.27
CA VAL A 242 -4.96 -8.31 -29.05
C VAL A 242 -5.89 -8.20 -27.85
N PHE A 243 -5.98 -9.24 -27.03
CA PHE A 243 -6.77 -9.15 -25.80
C PHE A 243 -5.94 -9.44 -24.55
N ASN A 244 -6.31 -8.79 -23.45
CA ASN A 244 -5.79 -9.12 -22.15
C ASN A 244 -6.51 -10.37 -21.63
N ASN A 245 -5.78 -11.16 -20.86
CA ASN A 245 -6.41 -12.34 -20.25
C ASN A 245 -5.81 -12.63 -18.89
N GLY A 246 -6.68 -13.06 -17.98
CA GLY A 246 -6.30 -13.58 -16.67
C GLY A 246 -6.60 -15.06 -16.59
N TYR A 247 -5.86 -15.78 -15.73
CA TYR A 247 -6.23 -17.18 -15.44
C TYR A 247 -7.03 -17.22 -14.16
N PHE A 248 -8.32 -17.46 -14.31
CA PHE A 248 -9.21 -17.44 -13.17
C PHE A 248 -9.48 -18.87 -12.68
N GLU A 249 -9.29 -19.06 -11.37
CA GLU A 249 -9.63 -20.32 -10.72
C GLU A 249 -10.63 -20.05 -9.61
N PRO A 250 -11.44 -21.05 -9.25
CA PRO A 250 -12.50 -20.80 -8.25
C PRO A 250 -11.98 -20.99 -6.82
N ALA A 251 -12.60 -20.29 -5.87
CA ALA A 251 -12.16 -20.28 -4.47
C ALA A 251 -12.41 -21.62 -3.81
N SER A 252 -13.43 -22.30 -4.30
CA SER A 252 -13.94 -23.52 -3.73
C SER A 252 -14.41 -24.39 -4.88
N GLU A 253 -15.04 -25.51 -4.54
CA GLU A 253 -15.75 -26.35 -5.51
C GLU A 253 -17.25 -26.02 -5.55
N LYS A 254 -17.67 -24.94 -4.88
CA LYS A 254 -19.09 -24.53 -4.94
C LYS A 254 -19.44 -24.27 -6.40
N GLU A 255 -20.65 -24.63 -6.79
CA GLU A 255 -21.22 -24.28 -8.09
C GLU A 255 -21.03 -22.77 -8.43
N GLU A 256 -21.35 -21.90 -7.47
CA GLU A 256 -21.38 -20.44 -7.69
C GLU A 256 -19.98 -19.85 -7.94
N ASP A 257 -18.96 -20.43 -7.31
CA ASP A 257 -17.58 -20.03 -7.54
C ASP A 257 -17.07 -20.47 -8.92
N ILE A 258 -17.60 -21.58 -9.42
CA ILE A 258 -17.15 -22.13 -10.70
C ILE A 258 -17.74 -21.24 -11.78
N ARG A 259 -18.97 -20.77 -11.51
CA ARG A 259 -19.72 -19.88 -12.37
C ARG A 259 -19.13 -18.45 -12.36
N ALA A 260 -18.56 -18.06 -11.23
CA ALA A 260 -17.95 -16.75 -11.11
C ALA A 260 -16.76 -16.73 -12.03
N VAL A 261 -16.08 -17.87 -12.10
CA VAL A 261 -14.95 -18.07 -13.00
C VAL A 261 -15.38 -18.00 -14.48
N ARG A 262 -16.53 -18.62 -14.76
CA ARG A 262 -17.12 -18.60 -16.11
C ARG A 262 -17.43 -17.19 -16.58
N PHE A 263 -18.04 -16.40 -15.71
CA PHE A 263 -18.31 -15.00 -16.00
C PHE A 263 -17.01 -14.20 -16.20
N MET A 264 -16.03 -14.38 -15.33
CA MET A 264 -14.78 -13.65 -15.46
C MET A 264 -13.98 -13.95 -16.72
N HIS A 265 -13.99 -15.21 -17.14
CA HIS A 265 -13.36 -15.56 -18.41
C HIS A 265 -14.15 -14.93 -19.56
N GLN A 266 -15.47 -14.92 -19.49
CA GLN A 266 -16.27 -14.45 -20.60
C GLN A 266 -16.21 -12.92 -20.75
N PHE A 267 -16.03 -12.24 -19.62
CA PHE A 267 -16.04 -10.78 -19.52
C PHE A 267 -14.63 -10.18 -19.67
N ASN A 268 -13.68 -10.66 -18.87
CA ASN A 268 -12.30 -10.13 -18.82
C ASN A 268 -11.37 -10.67 -19.91
N ASN A 269 -11.66 -11.88 -20.42
CA ASN A 269 -10.76 -12.48 -21.42
C ASN A 269 -11.29 -12.35 -22.84
N TYR A 270 -10.55 -12.90 -23.81
CA TYR A 270 -10.93 -12.87 -25.23
C TYR A 270 -12.40 -13.10 -25.64
N PRO A 271 -13.20 -13.92 -24.88
CA PRO A 271 -14.57 -14.16 -25.38
C PRO A 271 -15.46 -12.92 -25.51
N LEU A 272 -15.25 -11.89 -24.70
CA LEU A 272 -16.07 -10.70 -24.84
C LEU A 272 -16.05 -10.19 -26.27
N PHE A 273 -14.89 -10.32 -26.89
CA PHE A 273 -14.73 -9.89 -28.28
C PHE A 273 -14.78 -10.99 -29.33
N LEU A 274 -14.28 -12.17 -28.99
CA LEU A 274 -14.21 -13.27 -29.98
C LEU A 274 -15.53 -13.96 -30.23
N ASN A 275 -16.41 -13.91 -29.24
CA ASN A 275 -17.74 -14.43 -29.42
C ASN A 275 -18.50 -13.59 -30.46
N PRO A 276 -18.50 -12.23 -30.34
CA PRO A 276 -18.99 -11.46 -31.50
C PRO A 276 -18.31 -11.78 -32.82
N ILE A 277 -16.98 -11.80 -32.83
CA ILE A 277 -16.24 -11.96 -34.07
C ILE A 277 -16.50 -13.32 -34.71
N TYR A 278 -16.49 -14.39 -33.91
CA TYR A 278 -16.69 -15.76 -34.41
C TYR A 278 -18.13 -16.27 -34.39
N ARG A 279 -18.96 -15.82 -33.44
CA ARG A 279 -20.32 -16.35 -33.29
C ARG A 279 -21.43 -15.31 -33.51
N GLY A 280 -21.06 -14.03 -33.58
CA GLY A 280 -22.03 -13.00 -33.88
C GLY A 280 -22.88 -12.59 -32.68
N ASP A 281 -22.39 -12.78 -31.46
CA ASP A 281 -23.09 -12.22 -30.28
C ASP A 281 -22.12 -12.15 -29.11
N TYR A 282 -22.47 -11.40 -28.07
CA TYR A 282 -21.69 -11.39 -26.84
C TYR A 282 -21.86 -12.72 -26.12
N PRO A 283 -20.89 -13.10 -25.24
CA PRO A 283 -21.01 -14.29 -24.39
C PRO A 283 -22.23 -14.24 -23.46
N GLU A 284 -22.79 -15.41 -23.10
CA GLU A 284 -24.10 -15.44 -22.44
C GLU A 284 -24.08 -14.82 -21.05
N LEU A 285 -23.02 -15.06 -20.28
CA LEU A 285 -22.90 -14.45 -18.96
C LEU A 285 -22.67 -12.91 -19.01
N VAL A 286 -22.02 -12.46 -20.09
CA VAL A 286 -21.87 -11.02 -20.34
C VAL A 286 -23.24 -10.38 -20.60
N LEU A 287 -24.07 -11.03 -21.40
CA LEU A 287 -25.45 -10.54 -21.61
C LEU A 287 -26.29 -10.56 -20.32
N GLU A 288 -26.20 -11.63 -19.56
CA GLU A 288 -26.91 -11.71 -18.28
C GLU A 288 -26.59 -10.46 -17.42
N PHE A 289 -25.31 -10.10 -17.38
CA PHE A 289 -24.89 -8.95 -16.60
C PHE A 289 -25.17 -7.59 -17.26
N ALA A 290 -24.96 -7.49 -18.57
CA ALA A 290 -24.74 -6.19 -19.20
C ALA A 290 -25.68 -5.81 -20.31
N ARG A 291 -26.74 -6.60 -20.54
CA ARG A 291 -27.57 -6.34 -21.70
C ARG A 291 -28.25 -4.96 -21.63
N GLU A 292 -28.65 -4.54 -20.43
CA GLU A 292 -29.24 -3.21 -20.21
C GLU A 292 -28.28 -2.06 -20.59
N TYR A 293 -26.98 -2.31 -20.57
CA TYR A 293 -25.97 -1.26 -20.87
C TYR A 293 -25.61 -1.17 -22.33
N LEU A 294 -25.93 -2.22 -23.09
CA LEU A 294 -25.57 -2.28 -24.50
C LEU A 294 -26.59 -1.52 -25.29
N PRO A 295 -26.18 -0.97 -26.45
CA PRO A 295 -27.12 -0.25 -27.28
C PRO A 295 -28.34 -1.11 -27.59
N GLU A 296 -29.51 -0.48 -27.69
CA GLU A 296 -30.71 -1.20 -28.04
C GLU A 296 -30.58 -2.05 -29.28
N ASN A 297 -30.20 -1.60 -30.43
CA ASN A 297 -30.23 -2.58 -31.53
C ASN A 297 -28.82 -3.13 -31.85
N TYR A 298 -28.08 -3.56 -30.81
CA TYR A 298 -26.65 -3.87 -30.97
C TYR A 298 -26.45 -5.05 -31.94
N LYS A 299 -27.44 -5.95 -32.01
CA LYS A 299 -27.37 -7.14 -32.87
C LYS A 299 -27.32 -6.78 -34.34
N ASP A 300 -27.83 -5.59 -34.70
CA ASP A 300 -27.79 -5.12 -36.07
C ASP A 300 -26.35 -4.95 -36.56
N ASP A 301 -25.40 -4.77 -35.64
CA ASP A 301 -24.02 -4.54 -36.06
C ASP A 301 -23.20 -5.84 -36.14
N MET A 302 -23.77 -6.96 -35.70
CA MET A 302 -22.98 -8.18 -35.52
C MET A 302 -22.47 -8.85 -36.79
N SER A 303 -23.30 -8.86 -37.84
CA SER A 303 -22.81 -9.51 -39.06
C SER A 303 -21.56 -8.79 -39.57
N GLU A 304 -21.52 -7.46 -39.46
CA GLU A 304 -20.30 -6.70 -39.81
C GLU A 304 -19.11 -6.98 -38.90
N ILE A 305 -19.37 -7.10 -37.60
CA ILE A 305 -18.34 -7.44 -36.62
C ILE A 305 -17.66 -8.78 -36.91
N GLN A 306 -18.39 -9.68 -37.57
CA GLN A 306 -17.82 -10.99 -37.94
C GLN A 306 -16.77 -10.98 -39.06
N GLU A 307 -16.35 -9.80 -39.50
CA GLU A 307 -15.27 -9.60 -40.48
C GLU A 307 -14.10 -10.56 -40.16
N LYS A 308 -13.66 -11.35 -41.15
CA LYS A 308 -12.66 -12.39 -40.90
C LYS A 308 -11.31 -11.82 -40.48
N ILE A 309 -10.77 -12.34 -39.40
CA ILE A 309 -9.42 -11.98 -38.93
C ILE A 309 -8.41 -13.10 -39.20
N ASP A 310 -7.14 -12.73 -39.26
CA ASP A 310 -6.04 -13.63 -39.57
C ASP A 310 -5.40 -14.29 -38.35
N PHE A 311 -5.31 -13.57 -37.24
CA PHE A 311 -4.73 -14.11 -36.02
C PHE A 311 -5.33 -13.49 -34.76
N VAL A 312 -5.18 -14.19 -33.64
CA VAL A 312 -5.54 -13.65 -32.34
C VAL A 312 -4.26 -13.42 -31.55
N GLY A 313 -4.09 -12.24 -30.97
CA GLY A 313 -2.99 -12.02 -30.04
C GLY A 313 -3.50 -12.12 -28.62
N LEU A 314 -2.82 -12.91 -27.79
CA LEU A 314 -3.23 -13.03 -26.38
C LEU A 314 -2.13 -12.44 -25.54
N ASN A 315 -2.49 -11.52 -24.65
CA ASN A 315 -1.57 -11.05 -23.64
C ASN A 315 -1.88 -11.81 -22.39
N TYR A 316 -0.84 -12.10 -21.61
CA TYR A 316 -1.05 -12.81 -20.35
C TYR A 316 -0.02 -12.44 -19.28
N TYR A 317 -0.49 -12.23 -18.06
CA TYR A 317 0.39 -11.83 -16.93
C TYR A 317 0.21 -12.63 -15.66
N SER A 318 -1.04 -12.88 -15.29
CA SER A 318 -1.28 -13.48 -14.00
C SER A 318 -2.59 -14.26 -13.85
N GLY A 319 -2.72 -14.90 -12.69
CA GLY A 319 -3.93 -15.59 -12.31
C GLY A 319 -4.62 -15.00 -11.10
N HIS A 320 -5.89 -15.33 -10.93
CA HIS A 320 -6.68 -14.75 -9.86
C HIS A 320 -7.62 -15.78 -9.29
N LEU A 321 -7.63 -15.88 -7.97
CA LEU A 321 -8.65 -16.67 -7.28
C LEU A 321 -9.90 -15.81 -7.21
N VAL A 322 -11.05 -16.44 -7.46
CA VAL A 322 -12.29 -15.74 -7.72
C VAL A 322 -13.44 -16.47 -7.00
N LYS A 323 -14.36 -15.68 -6.45
CA LYS A 323 -15.32 -16.15 -5.50
C LYS A 323 -16.59 -15.46 -5.91
N PHE A 324 -17.73 -16.17 -5.93
CA PHE A 324 -19.01 -15.48 -5.99
C PHE A 324 -19.13 -14.63 -4.75
N ASP A 325 -19.77 -13.47 -4.90
CA ASP A 325 -19.87 -12.48 -3.85
C ASP A 325 -21.11 -11.65 -4.12
N PRO A 326 -22.17 -11.82 -3.29
CA PRO A 326 -23.49 -11.20 -3.56
C PRO A 326 -23.47 -9.67 -3.50
N ASP A 327 -22.43 -9.12 -2.86
CA ASP A 327 -22.34 -7.70 -2.60
C ASP A 327 -21.49 -6.97 -3.64
N ALA A 328 -20.66 -7.73 -4.36
CA ALA A 328 -19.75 -7.16 -5.36
C ALA A 328 -20.50 -6.69 -6.61
N PRO A 329 -20.08 -5.52 -7.18
CA PRO A 329 -20.67 -4.89 -8.38
C PRO A 329 -21.07 -5.80 -9.55
N ALA A 330 -20.35 -6.90 -9.78
CA ALA A 330 -20.74 -7.88 -10.80
C ALA A 330 -20.93 -9.29 -10.21
N LYS A 331 -21.13 -9.34 -8.88
CA LYS A 331 -21.28 -10.58 -8.10
C LYS A 331 -20.01 -11.43 -8.04
N VAL A 332 -18.85 -10.78 -8.16
CA VAL A 332 -17.55 -11.46 -8.15
C VAL A 332 -16.53 -10.68 -7.32
N SER A 333 -15.79 -11.38 -6.46
CA SER A 333 -14.66 -10.76 -5.77
C SER A 333 -13.41 -11.55 -5.99
N PHE A 334 -12.27 -10.88 -5.94
CA PHE A 334 -10.98 -11.56 -5.97
C PHE A 334 -10.59 -11.93 -4.55
N VAL A 335 -9.96 -13.09 -4.38
CA VAL A 335 -9.46 -13.45 -3.06
C VAL A 335 -7.96 -13.67 -3.12
N GLU A 336 -7.24 -13.04 -2.18
CA GLU A 336 -5.78 -13.11 -2.13
C GLU A 336 -5.27 -14.53 -1.90
N ARG A 337 -4.15 -14.86 -2.54
CA ARG A 337 -3.47 -16.13 -2.37
C ARG A 337 -2.03 -15.81 -2.04
N ASP A 338 -1.40 -16.57 -1.14
CA ASP A 338 0.01 -16.27 -0.93
C ASP A 338 0.90 -17.08 -1.86
N LEU A 339 0.82 -16.71 -3.14
CA LEU A 339 1.70 -17.21 -4.16
C LEU A 339 2.77 -16.13 -4.40
N PRO A 340 3.91 -16.49 -5.02
CA PRO A 340 4.80 -15.38 -5.40
C PRO A 340 4.06 -14.31 -6.25
N LYS A 341 4.38 -13.04 -6.00
CA LYS A 341 3.78 -11.91 -6.74
C LYS A 341 4.86 -11.04 -7.35
N THR A 342 4.48 -10.30 -8.40
CA THR A 342 5.37 -9.31 -8.98
C THR A 342 5.21 -8.01 -8.19
N ALA A 343 5.95 -6.98 -8.58
CA ALA A 343 5.81 -5.64 -8.01
C ALA A 343 4.41 -5.05 -8.20
N MET A 344 3.66 -5.55 -9.18
CA MET A 344 2.30 -5.11 -9.40
C MET A 344 1.37 -5.74 -8.37
N GLY A 345 1.87 -6.77 -7.69
CA GLY A 345 1.07 -7.57 -6.78
C GLY A 345 0.31 -8.64 -7.52
N TRP A 346 0.74 -8.95 -8.74
CA TRP A 346 0.05 -9.93 -9.57
C TRP A 346 0.59 -11.34 -9.29
N GLU A 347 -0.29 -12.27 -8.98
CA GLU A 347 0.11 -13.66 -8.70
C GLU A 347 0.76 -14.32 -9.92
N ILE A 348 1.96 -14.88 -9.72
CA ILE A 348 2.72 -15.57 -10.77
C ILE A 348 2.15 -16.96 -10.98
N VAL A 349 1.44 -17.17 -12.09
CA VAL A 349 0.79 -18.47 -12.33
C VAL A 349 1.06 -18.95 -13.75
N PRO A 350 2.22 -19.57 -13.98
CA PRO A 350 2.68 -19.82 -15.35
C PRO A 350 1.77 -20.72 -16.15
N GLU A 351 1.07 -21.64 -15.48
CA GLU A 351 0.16 -22.56 -16.16
C GLU A 351 -1.03 -21.85 -16.81
N GLY A 352 -1.22 -20.58 -16.47
CA GLY A 352 -2.33 -19.80 -17.02
C GLY A 352 -2.15 -19.50 -18.49
N ILE A 353 -0.91 -19.39 -18.91
CA ILE A 353 -0.60 -19.08 -20.30
C ILE A 353 -0.85 -20.31 -21.18
N TYR A 354 -0.57 -21.51 -20.66
CA TYR A 354 -0.98 -22.77 -21.30
C TYR A 354 -2.51 -22.92 -21.36
N TRP A 355 -3.18 -22.66 -20.24
CA TRP A 355 -4.63 -22.73 -20.18
C TRP A 355 -5.29 -21.82 -21.21
N ILE A 356 -4.91 -20.55 -21.26
CA ILE A 356 -5.56 -19.57 -22.15
C ILE A 356 -5.31 -19.93 -23.62
N LEU A 357 -4.15 -20.53 -23.86
CA LEU A 357 -3.78 -20.99 -25.19
C LEU A 357 -4.64 -22.16 -25.68
N LYS A 358 -4.83 -23.14 -24.80
CA LYS A 358 -5.70 -24.29 -25.05
C LYS A 358 -7.13 -23.84 -25.22
N LYS A 359 -7.57 -22.98 -24.30
CA LYS A 359 -8.96 -22.52 -24.26
C LYS A 359 -9.35 -21.82 -25.55
N VAL A 360 -8.46 -20.95 -26.05
CA VAL A 360 -8.78 -20.20 -27.25
C VAL A 360 -8.98 -21.12 -28.45
N LYS A 361 -8.12 -22.16 -28.57
CA LYS A 361 -8.29 -23.13 -29.66
C LYS A 361 -9.60 -23.88 -29.49
N GLU A 362 -9.87 -24.28 -28.25
CA GLU A 362 -11.09 -25.04 -27.94
C GLU A 362 -12.35 -24.26 -28.25
N GLU A 363 -12.35 -22.96 -27.95
CA GLU A 363 -13.58 -22.19 -28.08
C GLU A 363 -13.78 -21.59 -29.45
N TYR A 364 -12.72 -21.07 -30.05
CA TYR A 364 -12.87 -20.34 -31.31
C TYR A 364 -11.97 -20.86 -32.43
N ASN A 365 -11.03 -21.73 -32.08
CA ASN A 365 -10.09 -22.29 -33.04
C ASN A 365 -9.51 -21.28 -34.05
N PRO A 366 -8.89 -20.18 -33.56
CA PRO A 366 -8.33 -19.25 -34.56
C PRO A 366 -7.22 -19.93 -35.37
N PRO A 367 -7.05 -19.55 -36.65
CA PRO A 367 -6.02 -20.20 -37.47
C PRO A 367 -4.57 -19.94 -37.00
N GLU A 368 -4.30 -18.76 -36.44
CA GLU A 368 -3.00 -18.46 -35.83
C GLU A 368 -3.20 -17.75 -34.49
N VAL A 369 -2.29 -17.98 -33.54
CA VAL A 369 -2.30 -17.27 -32.27
C VAL A 369 -0.89 -16.72 -32.05
N TYR A 370 -0.80 -15.55 -31.42
CA TYR A 370 0.47 -15.05 -30.93
C TYR A 370 0.30 -14.70 -29.46
N ILE A 371 1.32 -14.92 -28.65
CA ILE A 371 1.35 -14.30 -27.33
C ILE A 371 1.99 -12.95 -27.61
N THR A 372 1.17 -11.90 -27.54
CA THR A 372 1.61 -10.57 -27.96
C THR A 372 2.22 -9.76 -26.80
N GLU A 373 2.08 -10.28 -25.58
CA GLU A 373 2.68 -9.72 -24.36
C GLU A 373 2.73 -10.74 -23.26
N ASN A 374 3.88 -10.83 -22.59
CA ASN A 374 4.08 -11.63 -21.36
C ASN A 374 5.30 -11.02 -20.73
N GLY A 375 5.26 -10.81 -19.43
CA GLY A 375 6.40 -10.17 -18.77
C GLY A 375 6.08 -9.91 -17.33
N ALA A 376 7.00 -9.24 -16.64
CA ALA A 376 6.82 -8.96 -15.23
C ALA A 376 7.48 -7.69 -14.78
N ALA A 377 6.92 -7.11 -13.72
CA ALA A 377 7.50 -5.97 -13.06
C ALA A 377 8.17 -6.41 -11.75
N PHE A 378 9.46 -6.12 -11.62
CA PHE A 378 10.18 -6.33 -10.37
C PHE A 378 10.97 -5.09 -10.04
N ASP A 379 11.32 -4.94 -8.76
CA ASP A 379 12.03 -3.77 -8.29
C ASP A 379 13.50 -3.94 -8.61
N ASP A 380 13.83 -3.67 -9.87
CA ASP A 380 15.17 -3.80 -10.41
C ASP A 380 16.10 -2.74 -9.87
N VAL A 381 17.30 -3.19 -9.50
CA VAL A 381 18.39 -2.29 -9.12
C VAL A 381 19.62 -2.60 -9.96
N VAL A 382 20.35 -1.55 -10.32
CA VAL A 382 21.66 -1.66 -10.92
C VAL A 382 22.65 -1.94 -9.77
N SER A 383 23.28 -3.11 -9.82
CA SER A 383 24.28 -3.51 -8.83
C SER A 383 25.60 -2.75 -9.03
N GLU A 384 26.48 -2.86 -8.03
CA GLU A 384 27.80 -2.23 -8.07
C GLU A 384 28.59 -2.72 -9.30
N ASP A 385 28.33 -3.97 -9.70
CA ASP A 385 28.90 -4.57 -10.92
C ASP A 385 28.39 -3.96 -12.26
N GLY A 386 27.44 -3.04 -12.18
CA GLY A 386 26.91 -2.35 -13.36
C GLY A 386 25.84 -3.12 -14.12
N ARG A 387 25.38 -4.21 -13.50
CA ARG A 387 24.43 -5.17 -14.08
C ARG A 387 23.09 -5.19 -13.33
N VAL A 388 22.05 -5.74 -13.97
CA VAL A 388 20.76 -5.87 -13.34
C VAL A 388 20.39 -7.35 -13.24
N HIS A 389 20.54 -7.90 -12.03
CA HIS A 389 20.41 -9.33 -11.81
C HIS A 389 18.98 -9.71 -11.51
N ASP A 390 18.17 -9.76 -12.55
CA ASP A 390 16.76 -10.05 -12.37
C ASP A 390 16.43 -11.52 -12.59
N GLN A 391 16.94 -12.35 -11.68
CA GLN A 391 16.67 -13.77 -11.72
C GLN A 391 15.18 -14.02 -11.61
N ASN A 392 14.50 -13.16 -10.84
CA ASN A 392 13.05 -13.26 -10.69
C ASN A 392 12.29 -13.16 -12.02
N ARG A 393 12.79 -12.30 -12.92
CA ARG A 393 12.20 -12.12 -14.25
C ARG A 393 12.59 -13.26 -15.18
N ILE A 394 13.85 -13.73 -15.10
CA ILE A 394 14.29 -14.90 -15.86
C ILE A 394 13.37 -16.06 -15.50
N ASP A 395 13.19 -16.27 -14.20
CA ASP A 395 12.35 -17.36 -13.72
C ASP A 395 10.94 -17.25 -14.23
N TYR A 396 10.44 -16.03 -14.29
CA TYR A 396 9.05 -15.78 -14.72
C TYR A 396 8.93 -16.08 -16.21
N LEU A 397 9.82 -15.51 -17.01
CA LEU A 397 9.82 -15.72 -18.45
C LEU A 397 9.96 -17.21 -18.80
N LYS A 398 11.01 -17.85 -18.24
CA LYS A 398 11.33 -19.25 -18.53
C LYS A 398 10.14 -20.13 -18.28
N ALA A 399 9.49 -19.92 -17.14
CA ALA A 399 8.31 -20.69 -16.77
C ALA A 399 7.17 -20.60 -17.77
N HIS A 400 6.93 -19.38 -18.28
CA HIS A 400 5.80 -19.15 -19.19
C HIS A 400 6.13 -19.61 -20.59
N ILE A 401 7.37 -19.34 -21.04
CA ILE A 401 7.84 -19.84 -22.33
C ILE A 401 7.72 -21.37 -22.40
N GLY A 402 8.00 -22.06 -21.29
CA GLY A 402 7.82 -23.51 -21.17
C GLY A 402 6.38 -23.97 -21.30
N GLN A 403 5.47 -23.22 -20.69
CA GLN A 403 4.02 -23.53 -20.77
C GLN A 403 3.47 -23.22 -22.16
N ALA A 404 4.01 -22.21 -22.82
CA ALA A 404 3.65 -21.94 -24.21
C ALA A 404 4.18 -23.06 -25.12
N TRP A 405 5.34 -23.59 -24.77
CA TRP A 405 5.94 -24.67 -25.53
C TRP A 405 5.00 -25.88 -25.47
N LYS A 406 4.51 -26.16 -24.26
CA LYS A 406 3.58 -27.24 -24.01
C LYS A 406 2.39 -27.14 -24.94
N ALA A 407 1.71 -25.99 -24.89
CA ALA A 407 0.57 -25.69 -25.76
C ALA A 407 0.84 -25.98 -27.25
N ILE A 408 2.01 -25.58 -27.75
CA ILE A 408 2.40 -25.94 -29.11
C ILE A 408 2.45 -27.47 -29.32
N GLN A 409 2.96 -28.22 -28.34
CA GLN A 409 3.03 -29.68 -28.47
C GLN A 409 1.63 -30.32 -28.51
N GLU A 410 0.63 -29.67 -27.92
CA GLU A 410 -0.74 -30.15 -28.00
C GLU A 410 -1.56 -29.47 -29.10
N GLY A 411 -0.89 -28.87 -30.06
CA GLY A 411 -1.55 -28.48 -31.30
C GLY A 411 -2.09 -27.07 -31.44
N VAL A 412 -1.87 -26.23 -30.43
CA VAL A 412 -2.22 -24.80 -30.51
C VAL A 412 -1.31 -24.13 -31.55
N PRO A 413 -1.90 -23.47 -32.56
CA PRO A 413 -1.07 -22.87 -33.59
C PRO A 413 -0.40 -21.54 -33.16
N LEU A 414 0.40 -21.60 -32.09
CA LEU A 414 1.14 -20.43 -31.61
C LEU A 414 2.28 -20.09 -32.55
N LYS A 415 2.22 -18.91 -33.16
CA LYS A 415 3.22 -18.55 -34.16
C LYS A 415 4.36 -17.67 -33.65
N GLY A 416 4.20 -17.12 -32.45
CA GLY A 416 5.13 -16.12 -31.93
C GLY A 416 4.90 -15.81 -30.46
N TYR A 417 5.91 -15.20 -29.84
CA TYR A 417 5.89 -14.85 -28.42
C TYR A 417 6.62 -13.53 -28.27
N PHE A 418 5.98 -12.57 -27.60
CA PHE A 418 6.52 -11.20 -27.43
C PHE A 418 6.64 -10.84 -25.94
N VAL A 419 7.84 -10.47 -25.54
CA VAL A 419 8.05 -10.08 -24.15
C VAL A 419 7.58 -8.62 -24.00
N TRP A 420 6.78 -8.37 -22.98
CA TRP A 420 6.54 -6.98 -22.57
C TRP A 420 7.50 -6.76 -21.42
N SER A 421 8.50 -5.87 -21.55
CA SER A 421 8.70 -4.99 -22.70
C SER A 421 10.19 -4.98 -23.08
N LEU A 422 10.50 -4.47 -24.27
CA LEU A 422 11.89 -4.13 -24.53
C LEU A 422 12.46 -3.28 -23.36
N LEU A 423 11.80 -2.17 -23.06
CA LEU A 423 12.29 -1.13 -22.15
C LEU A 423 11.41 -0.95 -20.92
N ASP A 424 12.03 -0.59 -19.79
CA ASP A 424 11.29 0.02 -18.68
C ASP A 424 10.59 1.24 -19.28
N ASN A 425 9.36 1.51 -18.87
CA ASN A 425 8.58 2.58 -19.50
C ASN A 425 7.49 3.15 -18.58
N PHE A 426 6.70 4.09 -19.09
CA PHE A 426 5.54 4.64 -18.39
C PHE A 426 4.42 3.61 -18.24
N GLU A 427 4.26 3.07 -17.04
CA GLU A 427 3.23 2.07 -16.80
C GLU A 427 1.88 2.70 -16.42
N TRP A 428 1.38 3.55 -17.32
CA TRP A 428 0.03 4.11 -17.25
C TRP A 428 -0.18 4.79 -15.89
N ALA A 429 -1.27 4.48 -15.19
CA ALA A 429 -1.57 5.14 -13.89
C ALA A 429 -0.54 4.88 -12.77
N GLU A 430 0.31 3.85 -12.96
CA GLU A 430 1.44 3.61 -12.05
C GLU A 430 2.66 4.47 -12.37
N GLY A 431 2.66 5.13 -13.53
CA GLY A 431 3.82 5.91 -13.94
C GLY A 431 5.09 5.07 -14.07
N TYR A 432 6.24 5.69 -13.81
CA TYR A 432 7.53 5.00 -13.99
C TYR A 432 7.95 4.07 -12.85
N SER A 433 7.05 3.86 -11.89
CA SER A 433 7.38 3.09 -10.70
C SER A 433 7.35 1.58 -10.93
N LYS A 434 6.79 1.14 -12.05
CA LYS A 434 6.82 -0.29 -12.41
C LYS A 434 7.68 -0.52 -13.66
N ARG A 435 8.63 -1.42 -13.52
CA ARG A 435 9.63 -1.65 -14.55
C ARG A 435 9.40 -3.03 -15.15
N PHE A 436 8.95 -3.08 -16.41
CA PHE A 436 8.66 -4.33 -17.12
C PHE A 436 9.76 -4.73 -18.12
N GLY A 437 10.77 -3.91 -18.32
CA GLY A 437 11.72 -4.11 -19.40
C GLY A 437 12.69 -5.29 -19.20
N ILE A 438 13.26 -5.76 -20.30
CA ILE A 438 14.40 -6.65 -20.26
C ILE A 438 15.64 -5.78 -20.48
N VAL A 439 15.39 -4.49 -20.72
CA VAL A 439 16.41 -3.48 -20.75
C VAL A 439 16.02 -2.39 -19.72
N TYR A 440 16.93 -2.12 -18.80
CA TYR A 440 16.77 -1.07 -17.79
C TYR A 440 16.97 0.31 -18.38
N VAL A 441 16.15 1.26 -17.96
CA VAL A 441 16.30 2.64 -18.37
C VAL A 441 16.51 3.50 -17.13
N ASP A 442 17.68 4.15 -17.08
CA ASP A 442 17.95 5.14 -16.07
C ASP A 442 17.39 6.43 -16.62
N TYR A 443 16.26 6.85 -16.04
CA TYR A 443 15.51 8.00 -16.53
C TYR A 443 16.27 9.32 -16.34
N SER A 444 17.18 9.39 -15.37
CA SER A 444 17.96 10.63 -15.16
C SER A 444 18.95 10.89 -16.29
N THR A 445 19.39 9.82 -16.93
CA THR A 445 20.41 9.90 -17.99
C THR A 445 19.92 9.39 -19.37
N GLN A 446 18.81 8.64 -19.36
CA GLN A 446 18.32 7.86 -20.51
C GLN A 446 19.22 6.69 -20.93
N LYS A 447 20.07 6.27 -20.01
CA LYS A 447 20.99 5.17 -20.26
C LYS A 447 20.20 3.86 -20.30
N ARG A 448 20.50 3.02 -21.29
CA ARG A 448 19.96 1.66 -21.33
C ARG A 448 21.00 0.68 -20.78
N ILE A 449 20.52 -0.24 -19.96
CA ILE A 449 21.32 -1.31 -19.42
C ILE A 449 20.58 -2.63 -19.66
N VAL A 450 21.12 -3.48 -20.54
CA VAL A 450 20.53 -4.80 -20.79
C VAL A 450 20.53 -5.60 -19.49
N LYS A 451 19.35 -6.04 -19.07
CA LYS A 451 19.24 -6.79 -17.85
C LYS A 451 19.66 -8.25 -18.11
N ASP A 452 19.93 -9.00 -17.04
CA ASP A 452 20.22 -10.45 -17.15
C ASP A 452 19.15 -11.14 -17.99
N SER A 453 17.88 -10.81 -17.70
CA SER A 453 16.73 -11.37 -18.44
C SER A 453 16.83 -11.10 -19.94
N GLY A 454 17.35 -9.94 -20.33
CA GLY A 454 17.60 -9.60 -21.73
C GLY A 454 18.68 -10.47 -22.38
N TYR A 455 19.72 -10.77 -21.62
CA TYR A 455 20.80 -11.60 -22.13
C TYR A 455 20.31 -13.01 -22.29
N TRP A 456 19.57 -13.44 -21.27
CA TRP A 456 18.97 -14.75 -21.20
C TRP A 456 18.02 -14.98 -22.35
N TYR A 457 17.13 -14.00 -22.59
CA TYR A 457 16.16 -14.08 -23.68
C TYR A 457 16.84 -14.14 -25.03
N SER A 458 17.91 -13.36 -25.19
CA SER A 458 18.69 -13.37 -26.41
C SER A 458 19.23 -14.75 -26.74
N ASN A 459 19.60 -15.48 -25.70
CA ASN A 459 20.09 -16.85 -25.85
C ASN A 459 18.97 -17.78 -26.27
N VAL A 460 17.79 -17.64 -25.65
CA VAL A 460 16.63 -18.40 -26.14
C VAL A 460 16.17 -18.09 -27.57
N VAL A 461 16.29 -16.83 -28.02
CA VAL A 461 15.98 -16.53 -29.43
C VAL A 461 16.99 -17.23 -30.37
N LYS A 462 18.29 -17.01 -30.10
CA LYS A 462 19.40 -17.71 -30.81
C LYS A 462 19.21 -19.23 -30.86
N ASN A 463 18.82 -19.84 -29.75
CA ASN A 463 18.60 -21.30 -29.72
C ASN A 463 17.19 -21.75 -30.10
N ASN A 464 16.28 -20.80 -30.36
CA ASN A 464 14.88 -21.10 -30.67
C ASN A 464 14.18 -21.95 -29.62
N GLY A 465 14.50 -21.70 -28.36
CA GLY A 465 13.80 -22.33 -27.23
C GLY A 465 14.67 -22.43 -25.99
N LEU A 466 14.22 -23.25 -25.04
CA LEU A 466 14.85 -23.36 -23.73
C LEU A 466 15.86 -24.52 -23.68
N GLU A 467 16.95 -24.34 -22.92
CA GLU A 467 17.97 -25.40 -22.76
C GLU A 467 17.44 -26.54 -21.89
N ASP A 468 16.68 -26.18 -20.86
CA ASP A 468 16.01 -27.16 -20.00
C ASP A 468 14.70 -27.63 -20.64
N ASN B 24 -1.66 -3.70 -6.07
CA ASN B 24 -1.69 -4.19 -4.65
C ASN B 24 -1.72 -3.09 -3.55
N VAL B 25 -1.89 -1.84 -3.97
CA VAL B 25 -2.09 -0.71 -3.04
C VAL B 25 -3.08 -1.01 -1.90
N LYS B 26 -2.86 -0.34 -0.77
CA LYS B 26 -3.73 -0.50 0.38
C LYS B 26 -4.10 0.87 0.91
N LYS B 27 -5.28 1.33 0.49
CA LYS B 27 -5.74 2.67 0.75
C LYS B 27 -6.61 2.62 2.01
N PHE B 28 -6.44 3.62 2.87
CA PHE B 28 -7.24 3.68 4.10
C PHE B 28 -8.50 4.53 3.89
N PRO B 29 -9.47 4.45 4.83
CA PRO B 29 -10.67 5.30 4.77
C PRO B 29 -10.35 6.78 4.62
N GLU B 30 -11.31 7.53 4.09
CA GLU B 30 -11.17 8.99 4.01
C GLU B 30 -11.14 9.52 5.44
N GLY B 31 -10.22 10.44 5.72
CA GLY B 31 -10.16 11.07 7.04
C GLY B 31 -9.31 10.33 8.05
N PHE B 32 -8.76 9.19 7.64
CA PHE B 32 -7.88 8.40 8.47
C PHE B 32 -6.67 9.23 8.95
N LEU B 33 -6.41 9.18 10.26
CA LEU B 33 -5.42 10.02 10.90
C LEU B 33 -4.06 9.34 11.01
N TRP B 34 -3.06 9.87 10.31
CA TRP B 34 -1.68 9.40 10.40
C TRP B 34 -0.94 10.34 11.31
N GLY B 35 -0.30 9.78 12.34
CA GLY B 35 0.30 10.60 13.38
C GLY B 35 1.66 10.11 13.77
N VAL B 36 2.35 10.93 14.56
CA VAL B 36 3.55 10.51 15.33
C VAL B 36 3.36 10.83 16.83
N ALA B 37 4.05 10.08 17.70
CA ALA B 37 3.83 10.20 19.15
C ALA B 37 5.14 10.35 19.90
N THR B 38 5.08 11.13 20.97
CA THR B 38 6.20 11.29 21.91
C THR B 38 5.64 11.34 23.34
N ALA B 39 6.54 11.52 24.32
CA ALA B 39 6.16 11.71 25.73
C ALA B 39 7.05 12.79 26.33
N SER B 40 6.48 13.63 27.19
CA SER B 40 7.15 14.77 27.84
C SER B 40 8.52 14.48 28.42
N TYR B 41 8.64 13.54 29.36
CA TYR B 41 9.95 13.25 29.94
C TYR B 41 10.94 12.63 28.95
N GLN B 42 10.44 11.99 27.90
CA GLN B 42 11.33 11.25 27.00
C GLN B 42 12.06 12.20 26.02
N ILE B 43 11.44 13.35 25.76
CA ILE B 43 11.99 14.25 24.76
C ILE B 43 12.40 15.63 25.24
N GLU B 44 11.78 16.09 26.33
CA GLU B 44 11.82 17.51 26.69
C GLU B 44 13.14 18.04 27.26
N GLY B 45 13.72 17.29 28.21
CA GLY B 45 14.84 17.84 28.99
C GLY B 45 14.38 19.05 29.78
N SER B 46 15.30 19.75 30.44
CA SER B 46 14.94 20.92 31.30
C SER B 46 13.75 20.62 32.25
N PRO B 47 13.88 19.54 33.05
CA PRO B 47 12.74 19.09 33.89
C PRO B 47 12.45 20.08 35.03
N LEU B 48 13.48 20.78 35.50
CA LEU B 48 13.32 21.79 36.54
C LEU B 48 13.27 23.24 36.05
N ALA B 49 13.21 23.47 34.74
CA ALA B 49 13.09 24.84 34.21
C ALA B 49 11.77 25.51 34.54
N ASP B 50 11.82 26.82 34.71
CA ASP B 50 10.60 27.66 34.76
C ASP B 50 9.58 27.22 35.81
N GLY B 51 10.11 26.83 36.95
CA GLY B 51 9.30 26.64 38.14
C GLY B 51 8.66 25.26 38.24
N ALA B 52 9.04 24.35 37.34
CA ALA B 52 8.51 22.99 37.36
C ALA B 52 8.93 22.22 38.62
N GLY B 53 7.98 21.47 39.21
CA GLY B 53 8.31 20.54 40.29
C GLY B 53 9.01 19.30 39.77
N MET B 54 9.72 18.61 40.65
CA MET B 54 10.35 17.35 40.28
C MET B 54 9.26 16.34 39.98
N SER B 55 9.60 15.42 39.09
CA SER B 55 8.76 14.26 38.79
C SER B 55 9.43 13.03 39.39
N ILE B 56 8.69 11.93 39.41
CA ILE B 56 9.26 10.67 39.90
C ILE B 56 10.27 10.12 38.95
N TRP B 57 10.22 10.50 37.68
CA TRP B 57 11.24 10.01 36.75
C TRP B 57 12.58 10.74 36.90
N HIS B 58 12.54 11.98 37.37
CA HIS B 58 13.75 12.73 37.72
C HIS B 58 14.45 12.05 38.90
N THR B 59 13.71 11.76 39.95
CA THR B 59 14.30 11.20 41.15
C THR B 59 14.73 9.77 40.90
N PHE B 60 13.89 9.01 40.18
CA PHE B 60 14.23 7.62 39.82
C PHE B 60 15.52 7.53 38.95
N SER B 61 15.59 8.32 37.88
CA SER B 61 16.77 8.23 37.02
C SER B 61 18.01 8.85 37.68
N HIS B 62 17.81 9.76 38.65
CA HIS B 62 18.95 10.32 39.41
C HIS B 62 19.41 9.42 40.55
N THR B 63 18.76 8.26 40.67
CA THR B 63 19.17 7.22 41.63
C THR B 63 20.09 6.26 40.92
N PRO B 64 21.34 6.11 41.41
CA PRO B 64 22.25 5.22 40.71
C PRO B 64 21.75 3.78 40.64
N GLY B 65 21.91 3.16 39.48
CA GLY B 65 21.53 1.79 39.34
C GLY B 65 20.18 1.55 38.68
N ASN B 66 19.37 2.60 38.52
CA ASN B 66 18.02 2.45 37.97
C ASN B 66 17.96 2.48 36.46
N VAL B 67 18.79 3.33 35.84
CA VAL B 67 18.78 3.47 34.37
C VAL B 67 20.15 3.09 33.76
N LYS B 68 20.11 2.45 32.58
CA LYS B 68 21.32 2.06 31.86
C LYS B 68 22.23 3.28 31.68
N ASN B 69 23.53 3.07 31.95
CA ASN B 69 24.59 4.09 31.81
C ASN B 69 24.32 5.38 32.60
N GLY B 70 23.45 5.35 33.62
CA GLY B 70 23.17 6.56 34.40
C GLY B 70 22.44 7.65 33.62
N ASP B 71 21.76 7.28 32.53
CA ASP B 71 21.10 8.28 31.70
C ASP B 71 19.96 8.90 32.47
N THR B 72 19.66 10.16 32.19
CA THR B 72 18.53 10.80 32.84
C THR B 72 17.78 11.54 31.75
N GLY B 73 16.62 12.13 32.09
CA GLY B 73 15.97 13.05 31.16
C GLY B 73 16.30 14.51 31.35
N ASP B 74 17.48 14.80 31.90
CA ASP B 74 17.93 16.17 32.16
C ASP B 74 17.99 16.99 30.86
N VAL B 75 18.45 16.36 29.79
CA VAL B 75 18.58 17.02 28.48
C VAL B 75 17.68 16.36 27.44
N ALA B 76 17.76 15.04 27.34
CA ALA B 76 16.99 14.29 26.33
C ALA B 76 17.17 14.98 24.95
N CYS B 77 16.07 15.31 24.27
CA CYS B 77 16.15 15.86 22.94
C CYS B 77 16.14 17.36 22.95
N ASP B 78 16.21 17.97 24.13
CA ASP B 78 16.08 19.41 24.30
C ASP B 78 14.84 19.95 23.57
N HIS B 79 13.76 19.18 23.58
CA HIS B 79 12.51 19.63 22.96
C HIS B 79 11.91 20.77 23.72
N TYR B 80 12.32 20.95 24.98
CA TYR B 80 11.86 22.13 25.72
C TYR B 80 12.30 23.43 25.02
N ASN B 81 13.44 23.37 24.33
CA ASN B 81 13.91 24.53 23.56
C ASN B 81 13.67 24.43 22.04
N ARG B 82 13.68 23.20 21.53
CA ARG B 82 13.73 22.94 20.10
C ARG B 82 12.40 22.50 19.53
N TRP B 83 11.33 22.77 20.30
CA TRP B 83 9.96 22.40 19.94
C TRP B 83 9.49 22.89 18.56
N LYS B 84 9.77 24.16 18.24
CA LYS B 84 9.40 24.76 16.95
C LYS B 84 9.93 23.94 15.79
N GLU B 85 11.22 23.72 15.75
CA GLU B 85 11.84 22.89 14.73
C GLU B 85 11.13 21.53 14.63
N ASP B 86 10.99 20.85 15.77
CA ASP B 86 10.42 19.52 15.82
C ASP B 86 9.03 19.48 15.16
N ILE B 87 8.21 20.48 15.46
CA ILE B 87 6.90 20.57 14.85
C ILE B 87 7.01 20.88 13.34
N GLU B 88 7.91 21.78 12.98
CA GLU B 88 8.24 22.02 11.56
C GLU B 88 8.58 20.72 10.83
N ILE B 89 9.36 19.82 11.46
CA ILE B 89 9.64 18.51 10.90
C ILE B 89 8.38 17.70 10.65
N ILE B 90 7.42 17.76 11.59
CA ILE B 90 6.14 17.05 11.43
C ILE B 90 5.41 17.61 10.21
N GLU B 91 5.32 18.92 10.12
CA GLU B 91 4.62 19.55 8.99
C GLU B 91 5.29 19.23 7.65
N LYS B 92 6.63 19.34 7.63
CA LYS B 92 7.44 19.01 6.47
C LYS B 92 7.21 17.58 5.99
N LEU B 93 6.87 16.69 6.91
CA LEU B 93 6.58 15.31 6.54
C LEU B 93 5.10 15.15 6.20
N GLY B 94 4.32 16.21 6.44
CA GLY B 94 2.87 16.17 6.16
C GLY B 94 2.10 15.23 7.09
N VAL B 95 2.71 14.92 8.24
CA VAL B 95 2.03 14.09 9.24
C VAL B 95 0.87 14.92 9.79
N LYS B 96 -0.31 14.30 9.94
CA LYS B 96 -1.54 15.06 10.24
C LYS B 96 -1.88 15.20 11.73
N ALA B 97 -1.26 14.37 12.57
CA ALA B 97 -1.53 14.42 14.02
C ALA B 97 -0.27 14.16 14.83
N TYR B 98 -0.22 14.80 15.98
CA TYR B 98 0.89 14.64 16.89
C TYR B 98 0.34 14.29 18.27
N ARG B 99 0.68 13.10 18.75
CA ARG B 99 0.30 12.67 20.09
C ARG B 99 1.46 13.06 20.99
N PHE B 100 1.20 13.92 21.96
CA PHE B 100 2.25 14.31 22.92
C PHE B 100 1.70 14.34 24.35
N SER B 101 2.57 14.19 25.35
CA SER B 101 2.09 14.28 26.74
C SER B 101 2.45 15.57 27.43
N ILE B 102 1.68 15.88 28.46
CA ILE B 102 1.86 17.05 29.28
C ILE B 102 2.51 16.60 30.59
N SER B 103 3.55 17.31 31.00
CA SER B 103 4.27 17.09 32.27
C SER B 103 3.48 17.65 33.44
N TRP B 104 2.79 16.77 34.17
CA TRP B 104 2.03 17.18 35.35
C TRP B 104 2.77 18.18 36.25
N PRO B 105 4.03 17.88 36.67
CA PRO B 105 4.75 18.84 37.53
C PRO B 105 5.24 20.17 36.88
N ARG B 106 5.14 20.33 35.57
CA ARG B 106 5.34 21.67 34.96
C ARG B 106 4.11 22.53 35.18
N ILE B 107 2.94 21.89 35.25
CA ILE B 107 1.64 22.55 35.39
C ILE B 107 1.28 22.78 36.86
N LEU B 108 1.44 21.74 37.69
CA LEU B 108 1.19 21.89 39.12
C LEU B 108 2.40 21.33 39.83
N PRO B 109 3.36 22.20 40.20
CA PRO B 109 4.63 21.66 40.69
C PRO B 109 4.52 20.87 41.98
N GLU B 110 3.49 21.13 42.76
CA GLU B 110 3.25 20.38 43.98
C GLU B 110 2.17 19.32 43.77
N GLY B 111 1.86 19.05 42.50
CA GLY B 111 0.85 18.05 42.15
C GLY B 111 -0.56 18.58 42.24
N THR B 112 -0.79 19.42 43.25
CA THR B 112 -2.10 19.92 43.58
C THR B 112 -1.90 21.43 43.86
N GLY B 113 -2.94 22.24 43.68
CA GLY B 113 -2.92 23.61 44.17
C GLY B 113 -2.45 24.64 43.15
N ARG B 114 -1.27 25.21 43.42
CA ARG B 114 -0.70 26.28 42.60
C ARG B 114 -0.44 25.90 41.15
N VAL B 115 -1.03 26.66 40.23
CA VAL B 115 -0.79 26.45 38.78
C VAL B 115 0.43 27.23 38.31
N ASN B 116 1.26 26.61 37.47
CA ASN B 116 2.45 27.28 36.98
C ASN B 116 2.21 27.85 35.56
N GLN B 117 2.08 29.18 35.46
CA GLN B 117 1.74 29.84 34.18
C GLN B 117 2.77 29.53 33.09
N LYS B 118 4.04 29.45 33.45
CA LYS B 118 5.08 29.16 32.48
C LYS B 118 4.91 27.76 31.91
N GLY B 119 4.22 26.89 32.64
CA GLY B 119 4.01 25.53 32.20
C GLY B 119 2.91 25.53 31.17
N LEU B 120 1.86 26.29 31.48
CA LEU B 120 0.76 26.51 30.55
C LEU B 120 1.23 27.12 29.22
N ASP B 121 2.11 28.12 29.33
CA ASP B 121 2.70 28.80 28.15
C ASP B 121 3.42 27.81 27.25
N PHE B 122 4.23 26.93 27.85
CA PHE B 122 5.02 26.01 27.06
C PHE B 122 4.17 25.17 26.16
N TYR B 123 3.05 24.68 26.71
CA TYR B 123 2.19 23.78 25.94
C TYR B 123 1.25 24.57 25.02
N ASN B 124 0.80 25.75 25.45
CA ASN B 124 -0.05 26.59 24.58
C ASN B 124 0.68 26.95 23.26
N ARG B 125 1.95 27.29 23.36
CA ARG B 125 2.77 27.56 22.16
C ARG B 125 2.82 26.35 21.22
N ILE B 126 2.99 25.14 21.78
CA ILE B 126 2.97 23.93 20.96
C ILE B 126 1.60 23.72 20.32
N ILE B 127 0.55 23.90 21.13
CA ILE B 127 -0.86 23.73 20.71
C ILE B 127 -1.25 24.71 19.58
N ASP B 128 -0.92 25.98 19.78
CA ASP B 128 -1.19 27.00 18.75
C ASP B 128 -0.43 26.68 17.47
N THR B 129 0.87 26.39 17.60
CA THR B 129 1.75 26.11 16.47
C THR B 129 1.27 24.92 15.63
N LEU B 130 0.86 23.82 16.27
CA LEU B 130 0.36 22.68 15.49
C LEU B 130 -1.01 22.94 14.79
N LEU B 131 -1.88 23.72 15.43
CA LEU B 131 -3.14 24.12 14.79
C LEU B 131 -2.89 25.03 13.57
N GLU B 132 -1.97 26.00 13.73
CA GLU B 132 -1.54 26.85 12.64
C GLU B 132 -1.18 26.01 11.42
N LYS B 133 -0.48 24.91 11.67
CA LYS B 133 0.04 24.04 10.62
C LYS B 133 -0.91 22.94 10.17
N GLY B 134 -2.15 22.99 10.64
CA GLY B 134 -3.13 21.95 10.34
C GLY B 134 -2.80 20.56 10.90
N ILE B 135 -2.03 20.50 11.99
CA ILE B 135 -1.68 19.22 12.67
C ILE B 135 -2.61 19.04 13.87
N THR B 136 -3.27 17.90 13.97
CA THR B 136 -4.24 17.65 15.05
C THR B 136 -3.53 17.15 16.33
N PRO B 137 -3.65 17.91 17.44
CA PRO B 137 -3.04 17.47 18.71
C PRO B 137 -3.84 16.36 19.42
N PHE B 138 -3.21 15.20 19.66
CA PHE B 138 -3.75 14.24 20.67
C PHE B 138 -2.92 14.40 21.93
N VAL B 139 -3.53 14.82 23.05
CA VAL B 139 -2.73 15.00 24.28
C VAL B 139 -2.93 13.87 25.30
N THR B 140 -1.79 13.29 25.70
CA THR B 140 -1.73 12.31 26.78
C THR B 140 -1.62 13.09 28.08
N ILE B 141 -2.65 12.99 28.90
CA ILE B 141 -2.64 13.70 30.18
C ILE B 141 -1.51 13.15 31.09
N TYR B 142 -1.39 11.84 31.18
CA TYR B 142 -0.38 11.24 32.07
C TYR B 142 0.44 10.23 31.32
N HIS B 143 1.72 10.56 31.10
CA HIS B 143 2.63 9.58 30.49
C HIS B 143 3.84 9.42 31.43
N TRP B 144 3.50 9.17 32.70
CA TRP B 144 4.37 8.56 33.71
C TRP B 144 5.19 9.52 34.58
N ASP B 145 5.23 10.81 34.24
CA ASP B 145 6.00 11.77 35.05
C ASP B 145 5.17 12.35 36.21
N LEU B 146 4.84 11.49 37.17
CA LEU B 146 4.02 11.91 38.31
C LEU B 146 4.86 12.92 39.07
N PRO B 147 4.23 13.98 39.61
CA PRO B 147 4.96 14.89 40.50
C PRO B 147 5.47 14.14 41.71
N PHE B 148 6.75 14.36 42.02
CA PHE B 148 7.39 13.76 43.17
C PHE B 148 6.64 14.10 44.45
N ALA B 149 6.09 15.33 44.55
CA ALA B 149 5.30 15.73 45.75
C ALA B 149 4.12 14.79 46.00
N LEU B 150 3.57 14.24 44.92
CA LEU B 150 2.47 13.28 45.11
C LEU B 150 2.95 11.87 45.43
N GLN B 151 4.14 11.50 44.92
CA GLN B 151 4.78 10.26 45.31
C GLN B 151 5.05 10.23 46.82
N LEU B 152 5.48 11.36 47.38
CA LEU B 152 5.66 11.48 48.84
C LEU B 152 4.40 11.15 49.62
N LYS B 153 3.25 11.40 49.02
CA LYS B 153 1.94 11.04 49.61
C LYS B 153 1.38 9.66 49.14
N GLY B 154 2.23 8.85 48.52
CA GLY B 154 1.85 7.49 48.13
C GLY B 154 1.60 7.33 46.64
N GLY B 155 1.46 8.44 45.92
CA GLY B 155 1.33 8.34 44.43
C GLY B 155 0.14 7.47 44.06
N TRP B 156 0.33 6.54 43.11
CA TRP B 156 -0.80 5.72 42.67
C TRP B 156 -1.37 4.73 43.70
N ALA B 157 -0.65 4.57 44.79
CA ALA B 157 -1.09 3.73 45.90
C ALA B 157 -2.18 4.40 46.72
N ASN B 158 -2.32 5.72 46.63
CA ASN B 158 -3.22 6.45 47.53
C ASN B 158 -4.53 6.70 46.80
N ARG B 159 -5.65 6.30 47.41
CA ARG B 159 -7.00 6.48 46.82
C ARG B 159 -7.22 7.93 46.44
N GLU B 160 -6.55 8.82 47.16
CA GLU B 160 -6.71 10.27 46.96
C GLU B 160 -6.22 10.75 45.61
N ILE B 161 -5.35 10.00 44.96
CA ILE B 161 -4.88 10.37 43.61
C ILE B 161 -6.06 10.53 42.62
N ALA B 162 -7.20 9.91 42.87
CA ALA B 162 -8.35 10.08 41.98
C ALA B 162 -8.81 11.55 42.01
N ASP B 163 -8.77 12.18 43.19
CA ASP B 163 -9.02 13.63 43.32
C ASP B 163 -7.90 14.45 42.72
N TRP B 164 -6.66 14.08 43.04
CA TRP B 164 -5.50 14.83 42.51
C TRP B 164 -5.52 14.84 40.96
N PHE B 165 -5.85 13.70 40.36
CA PHE B 165 -5.83 13.56 38.91
C PHE B 165 -6.98 14.33 38.24
N ALA B 166 -8.13 14.33 38.89
CA ALA B 166 -9.31 15.08 38.45
C ALA B 166 -8.98 16.58 38.44
N GLU B 167 -8.35 17.09 39.51
CA GLU B 167 -7.96 18.51 39.60
C GLU B 167 -6.96 18.91 38.52
N TYR B 168 -5.93 18.10 38.35
CA TYR B 168 -4.99 18.26 37.26
C TYR B 168 -5.68 18.24 35.89
N SER B 169 -6.49 17.22 35.64
CA SER B 169 -7.24 17.08 34.40
C SER B 169 -8.10 18.30 34.10
N ARG B 170 -8.83 18.76 35.11
CA ARG B 170 -9.68 19.94 34.99
C ARG B 170 -8.84 21.15 34.55
N VAL B 171 -7.62 21.29 35.10
CA VAL B 171 -6.79 22.41 34.73
C VAL B 171 -6.40 22.34 33.24
N LEU B 172 -6.04 21.15 32.77
CA LEU B 172 -5.72 20.94 31.36
C LEU B 172 -6.92 21.23 30.47
N PHE B 173 -8.07 20.72 30.86
CA PHE B 173 -9.29 20.93 30.09
C PHE B 173 -9.65 22.41 29.99
N GLU B 174 -9.62 23.12 31.12
CA GLU B 174 -10.03 24.50 31.17
C GLU B 174 -9.05 25.38 30.40
N ASN B 175 -7.78 25.00 30.38
CA ASN B 175 -6.77 25.83 29.76
C ASN B 175 -6.54 25.51 28.30
N PHE B 176 -6.73 24.25 27.92
CA PHE B 176 -6.35 23.79 26.60
C PHE B 176 -7.50 23.27 25.77
N GLY B 177 -8.66 23.06 26.40
CA GLY B 177 -9.76 22.29 25.79
C GLY B 177 -10.52 23.03 24.72
N ASP B 178 -10.34 24.36 24.67
CA ASP B 178 -10.87 25.20 23.60
C ASP B 178 -10.24 24.87 22.25
N ARG B 179 -9.02 24.35 22.29
CA ARG B 179 -8.28 24.02 21.07
C ARG B 179 -8.00 22.53 20.91
N VAL B 180 -7.59 21.86 22.00
CA VAL B 180 -7.39 20.40 21.94
C VAL B 180 -8.73 19.68 22.16
N LYS B 181 -9.11 18.80 21.24
CA LYS B 181 -10.38 18.10 21.28
C LYS B 181 -10.16 16.60 21.36
N ASN B 182 -8.91 16.16 21.33
CA ASN B 182 -8.65 14.72 21.42
C ASN B 182 -7.71 14.43 22.61
N TRP B 183 -8.21 13.64 23.56
CA TRP B 183 -7.58 13.54 24.90
C TRP B 183 -7.41 12.07 25.29
N ILE B 184 -6.36 11.77 26.04
CA ILE B 184 -6.10 10.41 26.48
C ILE B 184 -5.77 10.55 27.97
N THR B 185 -6.44 9.81 28.83
CA THR B 185 -6.21 10.01 30.29
C THR B 185 -4.83 9.47 30.65
N LEU B 186 -4.60 8.20 30.35
CA LEU B 186 -3.44 7.48 30.83
C LEU B 186 -2.77 6.76 29.69
N ASN B 187 -1.47 6.81 29.66
CA ASN B 187 -0.71 5.91 28.82
C ASN B 187 -0.34 4.62 29.56
N GLU B 188 -0.79 3.47 29.06
CA GLU B 188 -0.32 2.16 29.52
C GLU B 188 -0.33 2.00 31.07
N PRO B 189 -1.52 2.10 31.68
CA PRO B 189 -1.62 1.93 33.15
C PRO B 189 -1.08 0.58 33.63
N TRP B 190 -1.10 -0.45 32.79
CA TRP B 190 -0.54 -1.73 33.22
C TRP B 190 0.95 -1.53 33.57
N VAL B 191 1.67 -0.82 32.71
CA VAL B 191 3.10 -0.58 32.90
C VAL B 191 3.31 0.27 34.16
N VAL B 192 2.54 1.34 34.26
CA VAL B 192 2.60 2.25 35.42
C VAL B 192 2.51 1.44 36.72
N ALA B 193 1.51 0.56 36.78
CA ALA B 193 1.22 -0.17 38.00
C ALA B 193 2.23 -1.29 38.21
N ILE B 194 2.35 -2.16 37.23
CA ILE B 194 3.13 -3.38 37.37
C ILE B 194 4.64 -3.17 37.22
N VAL B 195 5.05 -2.45 36.20
CA VAL B 195 6.49 -2.25 35.99
C VAL B 195 6.99 -1.22 37.00
N GLY B 196 6.15 -0.27 37.40
CA GLY B 196 6.56 0.72 38.39
C GLY B 196 6.48 0.28 39.85
N HIS B 197 5.55 -0.64 40.16
CA HIS B 197 5.26 -0.95 41.57
C HIS B 197 5.39 -2.43 41.92
N LEU B 198 5.43 -3.31 40.92
CA LEU B 198 5.75 -4.74 41.17
C LEU B 198 7.19 -5.13 40.77
N TYR B 199 7.59 -4.81 39.54
CA TYR B 199 8.94 -5.15 39.06
C TYR B 199 9.98 -4.18 39.57
N GLY B 200 9.54 -2.96 39.87
CA GLY B 200 10.45 -1.90 40.34
C GLY B 200 11.42 -1.36 39.29
N VAL B 201 11.14 -1.61 38.01
CA VAL B 201 12.04 -1.30 36.89
C VAL B 201 11.79 0.12 36.41
N HIS B 202 10.57 0.63 36.63
CA HIS B 202 10.21 1.98 36.29
C HIS B 202 9.90 2.73 37.59
N ALA B 203 9.94 4.06 37.55
CA ALA B 203 9.53 4.82 38.73
C ALA B 203 8.08 4.51 39.13
N PRO B 204 7.78 4.54 40.45
CA PRO B 204 8.67 4.86 41.60
C PRO B 204 9.61 3.77 42.10
N GLY B 205 9.73 2.65 41.38
CA GLY B 205 10.72 1.65 41.67
C GLY B 205 10.41 0.78 42.87
N MET B 206 9.13 0.44 43.05
CA MET B 206 8.69 -0.40 44.16
C MET B 206 8.49 -1.86 43.72
N ARG B 207 8.61 -2.78 44.67
CA ARG B 207 8.29 -4.15 44.40
C ARG B 207 7.34 -4.65 45.47
N ASP B 208 6.06 -4.37 45.29
CA ASP B 208 5.07 -4.82 46.25
C ASP B 208 3.78 -5.10 45.50
N ILE B 209 3.31 -6.35 45.57
CA ILE B 209 2.19 -6.77 44.71
C ILE B 209 0.87 -6.21 45.21
N TYR B 210 0.78 -5.93 46.51
CA TYR B 210 -0.42 -5.35 47.06
C TYR B 210 -0.50 -3.90 46.60
N VAL B 211 0.63 -3.20 46.64
CA VAL B 211 0.64 -1.83 46.14
C VAL B 211 0.32 -1.81 44.62
N ALA B 212 0.98 -2.68 43.84
CA ALA B 212 0.77 -2.78 42.39
C ALA B 212 -0.70 -2.88 42.02
N PHE B 213 -1.44 -3.77 42.70
CA PHE B 213 -2.88 -3.88 42.38
C PHE B 213 -3.75 -2.73 42.86
N ARG B 214 -3.36 -2.09 43.94
CA ARG B 214 -4.07 -0.88 44.33
C ARG B 214 -3.79 0.23 43.33
N ALA B 215 -2.56 0.26 42.81
CA ALA B 215 -2.27 1.17 41.68
C ALA B 215 -3.15 0.90 40.42
N VAL B 216 -3.27 -0.37 40.04
CA VAL B 216 -4.19 -0.74 38.93
C VAL B 216 -5.59 -0.12 39.18
N HIS B 217 -6.08 -0.29 40.40
CA HIS B 217 -7.45 0.13 40.72
C HIS B 217 -7.58 1.66 40.80
N ASN B 218 -6.64 2.32 41.44
CA ASN B 218 -6.66 3.78 41.52
C ASN B 218 -6.45 4.45 40.15
N LEU B 219 -5.68 3.80 39.27
CA LEU B 219 -5.51 4.30 37.90
C LEU B 219 -6.86 4.34 37.23
N LEU B 220 -7.64 3.28 37.41
CA LEU B 220 -9.01 3.23 36.87
C LEU B 220 -9.93 4.29 37.48
N ARG B 221 -9.88 4.46 38.79
CA ARG B 221 -10.72 5.44 39.46
C ARG B 221 -10.33 6.86 38.99
N ALA B 222 -9.03 7.11 38.86
CA ALA B 222 -8.57 8.43 38.43
C ALA B 222 -8.94 8.72 36.97
N HIS B 223 -8.71 7.74 36.09
CA HIS B 223 -9.18 7.84 34.70
C HIS B 223 -10.65 8.25 34.59
N ALA B 224 -11.48 7.56 35.36
CA ALA B 224 -12.91 7.78 35.32
C ALA B 224 -13.31 9.14 35.84
N ARG B 225 -12.68 9.58 36.93
CA ARG B 225 -12.92 10.95 37.42
C ARG B 225 -12.55 11.98 36.35
N ALA B 226 -11.46 11.74 35.64
CA ALA B 226 -11.01 12.67 34.61
C ALA B 226 -12.04 12.73 33.46
N VAL B 227 -12.56 11.58 33.05
CA VAL B 227 -13.60 11.56 32.00
C VAL B 227 -14.87 12.31 32.46
N LYS B 228 -15.33 12.07 33.70
CA LYS B 228 -16.49 12.78 34.25
C LYS B 228 -16.28 14.29 34.19
N VAL B 229 -15.12 14.80 34.62
CA VAL B 229 -14.92 16.26 34.55
C VAL B 229 -14.75 16.73 33.10
N PHE B 230 -14.21 15.86 32.24
CA PHE B 230 -14.09 16.18 30.80
C PHE B 230 -15.48 16.49 30.21
N ARG B 231 -16.54 15.81 30.68
CA ARG B 231 -17.89 16.03 30.15
C ARG B 231 -18.47 17.37 30.62
N GLU B 232 -18.03 17.87 31.77
CA GLU B 232 -18.45 19.23 32.18
C GLU B 232 -17.59 20.36 31.66
N THR B 233 -16.47 20.07 31.00
CA THR B 233 -15.51 21.13 30.68
C THR B 233 -15.20 21.25 29.20
N VAL B 234 -15.40 20.19 28.42
CA VAL B 234 -15.08 20.25 26.99
C VAL B 234 -16.24 19.69 26.18
N ASP B 236 -17.43 19.62 23.18
CA ASP B 236 -17.23 19.04 21.86
C ASP B 236 -15.99 18.14 21.70
N GLY B 237 -15.41 17.65 22.80
CA GLY B 237 -14.21 16.81 22.69
C GLY B 237 -14.45 15.31 22.73
N LYS B 238 -13.37 14.57 22.41
CA LYS B 238 -13.32 13.11 22.57
C LYS B 238 -12.20 12.72 23.55
N ILE B 239 -12.49 11.75 24.41
CA ILE B 239 -11.51 11.26 25.42
C ILE B 239 -11.41 9.73 25.41
N GLY B 240 -10.20 9.21 25.60
CA GLY B 240 -9.99 7.77 25.62
C GLY B 240 -8.83 7.43 26.53
N ILE B 241 -8.28 6.23 26.36
CA ILE B 241 -7.26 5.71 27.22
C ILE B 241 -6.42 4.75 26.42
N VAL B 242 -5.16 4.57 26.81
CA VAL B 242 -4.18 3.86 25.97
C VAL B 242 -3.59 2.68 26.70
N PHE B 243 -3.63 1.51 26.08
CA PHE B 243 -3.10 0.31 26.69
C PHE B 243 -2.00 -0.34 25.88
N ASN B 244 -1.01 -0.91 26.57
CA ASN B 244 -0.02 -1.75 25.93
C ASN B 244 -0.65 -3.08 25.65
N ASN B 245 -0.14 -3.73 24.61
CA ASN B 245 -0.66 -5.03 24.21
C ASN B 245 0.43 -5.86 23.54
N GLY B 246 0.47 -7.13 23.87
CA GLY B 246 1.36 -8.09 23.26
C GLY B 246 0.50 -9.18 22.64
N TYR B 247 1.01 -9.81 21.59
CA TYR B 247 0.30 -10.93 20.97
C TYR B 247 0.90 -12.17 21.54
N PHE B 248 0.15 -12.84 22.40
CA PHE B 248 0.60 -14.06 23.04
C PHE B 248 0.07 -15.28 22.25
N GLU B 249 0.97 -16.22 21.92
CA GLU B 249 0.60 -17.52 21.33
C GLU B 249 1.07 -18.64 22.28
N PRO B 250 0.38 -19.79 22.29
CA PRO B 250 0.83 -20.86 23.17
C PRO B 250 2.06 -21.61 22.64
N ALA B 251 2.86 -22.19 23.53
CA ALA B 251 4.04 -22.98 23.13
C ALA B 251 3.66 -24.32 22.50
N SER B 252 2.53 -24.87 22.94
CA SER B 252 2.02 -26.12 22.45
C SER B 252 0.50 -26.02 22.32
N GLU B 253 -0.13 -27.16 22.02
CA GLU B 253 -1.59 -27.24 22.01
C GLU B 253 -2.15 -27.79 23.30
N LYS B 254 -1.28 -27.95 24.30
CA LYS B 254 -1.75 -28.38 25.63
C LYS B 254 -2.75 -27.36 26.17
N GLU B 255 -3.79 -27.83 26.86
CA GLU B 255 -4.82 -26.95 27.40
C GLU B 255 -4.23 -25.90 28.33
N GLU B 256 -3.23 -26.29 29.12
CA GLU B 256 -2.57 -25.41 30.09
C GLU B 256 -1.82 -24.23 29.48
N ASP B 257 -1.20 -24.44 28.32
CA ASP B 257 -0.53 -23.39 27.57
C ASP B 257 -1.52 -22.41 26.93
N ILE B 258 -2.68 -22.93 26.53
CA ILE B 258 -3.70 -22.12 25.88
C ILE B 258 -4.32 -21.20 26.93
N ARG B 259 -4.55 -21.75 28.12
CA ARG B 259 -4.99 -20.99 29.29
C ARG B 259 -3.95 -19.96 29.78
N ALA B 260 -2.66 -20.26 29.61
CA ALA B 260 -1.60 -19.32 29.96
C ALA B 260 -1.74 -18.10 29.05
N VAL B 261 -2.04 -18.36 27.79
CA VAL B 261 -2.27 -17.27 26.84
C VAL B 261 -3.48 -16.45 27.30
N ARG B 262 -4.54 -17.13 27.73
CA ARG B 262 -5.76 -16.46 28.13
C ARG B 262 -5.46 -15.55 29.34
N PHE B 263 -4.63 -16.03 30.27
CA PHE B 263 -4.26 -15.24 31.44
C PHE B 263 -3.45 -14.04 31.00
N MET B 264 -2.51 -14.24 30.10
CA MET B 264 -1.64 -13.14 29.68
C MET B 264 -2.39 -12.03 28.95
N HIS B 265 -3.37 -12.42 28.14
CA HIS B 265 -4.17 -11.44 27.42
C HIS B 265 -5.03 -10.66 28.44
N GLN B 266 -5.67 -11.39 29.35
CA GLN B 266 -6.52 -10.77 30.36
C GLN B 266 -5.73 -9.80 31.28
N PHE B 267 -4.47 -10.13 31.60
CA PHE B 267 -3.65 -9.36 32.54
C PHE B 267 -2.79 -8.26 31.89
N ASN B 268 -1.95 -8.63 30.91
CA ASN B 268 -1.05 -7.68 30.24
C ASN B 268 -1.73 -6.76 29.23
N ASN B 269 -2.84 -7.19 28.65
CA ASN B 269 -3.47 -6.43 27.55
C ASN B 269 -4.68 -5.62 28.03
N TYR B 270 -5.35 -4.91 27.12
CA TYR B 270 -6.57 -4.13 27.42
C TYR B 270 -7.67 -4.71 28.35
N PRO B 271 -7.93 -6.05 28.35
CA PRO B 271 -9.03 -6.47 29.27
C PRO B 271 -8.86 -6.10 30.73
N LEU B 272 -7.62 -6.00 31.23
CA LEU B 272 -7.45 -5.66 32.65
C LEU B 272 -8.22 -4.37 33.00
N PHE B 273 -8.32 -3.48 32.03
CA PHE B 273 -8.91 -2.17 32.23
C PHE B 273 -10.27 -2.05 31.55
N LEU B 274 -10.41 -2.75 30.43
CA LEU B 274 -11.64 -2.64 29.65
C LEU B 274 -12.76 -3.51 30.22
N ASN B 275 -12.40 -4.60 30.89
CA ASN B 275 -13.44 -5.39 31.56
C ASN B 275 -14.10 -4.56 32.66
N PRO B 276 -13.29 -3.92 33.54
CA PRO B 276 -13.86 -2.91 34.44
C PRO B 276 -14.71 -1.81 33.77
N ILE B 277 -14.16 -1.10 32.79
CA ILE B 277 -14.82 0.06 32.16
C ILE B 277 -16.14 -0.37 31.44
N TYR B 278 -16.11 -1.50 30.72
CA TYR B 278 -17.27 -2.01 29.98
C TYR B 278 -18.18 -3.04 30.69
N ARG B 279 -17.64 -3.82 31.61
CA ARG B 279 -18.43 -4.90 32.24
C ARG B 279 -18.57 -4.78 33.76
N GLY B 280 -17.80 -3.87 34.37
CA GLY B 280 -17.92 -3.57 35.78
C GLY B 280 -17.21 -4.55 36.69
N ASP B 281 -16.21 -5.27 36.19
CA ASP B 281 -15.34 -6.06 37.05
C ASP B 281 -14.01 -6.38 36.31
N TYR B 282 -12.99 -6.79 37.06
CA TYR B 282 -11.76 -7.30 36.46
C TYR B 282 -12.03 -8.62 35.73
N PRO B 283 -11.20 -8.98 34.74
CA PRO B 283 -11.31 -10.29 34.06
C PRO B 283 -11.18 -11.47 35.04
N GLU B 284 -11.87 -12.57 34.72
CA GLU B 284 -11.95 -13.79 35.56
C GLU B 284 -10.61 -14.34 36.01
N LEU B 285 -9.64 -14.43 35.10
CA LEU B 285 -8.37 -15.06 35.44
C LEU B 285 -7.45 -14.07 36.20
N VAL B 286 -7.67 -12.78 36.00
CA VAL B 286 -7.03 -11.75 36.81
C VAL B 286 -7.51 -11.88 38.25
N LEU B 287 -8.82 -12.02 38.44
CA LEU B 287 -9.36 -12.23 39.78
C LEU B 287 -8.85 -13.50 40.45
N GLU B 288 -8.82 -14.60 39.69
CA GLU B 288 -8.26 -15.85 40.22
C GLU B 288 -6.81 -15.68 40.72
N PHE B 289 -6.03 -14.87 40.00
CA PHE B 289 -4.63 -14.59 40.40
C PHE B 289 -4.51 -13.62 41.56
N ALA B 290 -5.28 -12.54 41.50
CA ALA B 290 -4.93 -11.30 42.19
C ALA B 290 -6.01 -10.74 43.11
N ARG B 291 -7.10 -11.49 43.33
CA ARG B 291 -8.15 -11.00 44.21
C ARG B 291 -7.61 -10.62 45.60
N GLU B 292 -6.71 -11.42 46.17
CA GLU B 292 -6.17 -11.11 47.51
C GLU B 292 -5.37 -9.82 47.55
N TYR B 293 -4.89 -9.35 46.40
CA TYR B 293 -4.06 -8.12 46.29
C TYR B 293 -4.88 -6.86 46.00
N LEU B 294 -6.13 -7.05 45.57
CA LEU B 294 -7.02 -5.92 45.29
C LEU B 294 -7.62 -5.39 46.59
N PRO B 295 -7.97 -4.09 46.63
CA PRO B 295 -8.58 -3.56 47.86
C PRO B 295 -9.89 -4.30 48.22
N GLU B 296 -10.09 -4.54 49.52
CA GLU B 296 -11.35 -5.04 50.05
C GLU B 296 -12.41 -4.14 49.43
N ASN B 297 -13.55 -4.57 48.98
CA ASN B 297 -14.55 -3.60 48.51
C ASN B 297 -14.21 -2.83 47.25
N TYR B 298 -13.26 -3.32 46.45
CA TYR B 298 -12.90 -2.64 45.20
C TYR B 298 -14.13 -2.52 44.29
N LYS B 299 -15.06 -3.46 44.39
CA LYS B 299 -16.21 -3.47 43.47
C LYS B 299 -17.18 -2.33 43.73
N ASP B 300 -17.11 -1.72 44.91
CA ASP B 300 -17.89 -0.49 45.21
C ASP B 300 -17.54 0.65 44.24
N ASP B 301 -16.34 0.58 43.64
CA ASP B 301 -15.87 1.65 42.80
C ASP B 301 -16.22 1.36 41.33
N MET B 302 -16.69 0.18 41.03
CA MET B 302 -16.89 -0.20 39.62
C MET B 302 -17.97 0.57 38.84
N SER B 303 -19.07 0.94 39.50
CA SER B 303 -20.10 1.68 38.75
C SER B 303 -19.60 3.06 38.33
N GLU B 304 -18.74 3.68 39.14
CA GLU B 304 -18.07 4.92 38.76
C GLU B 304 -17.01 4.69 37.66
N ILE B 305 -16.28 3.59 37.76
CA ILE B 305 -15.26 3.24 36.75
C ILE B 305 -15.83 3.07 35.32
N GLN B 306 -17.09 2.68 35.22
CA GLN B 306 -17.77 2.48 33.93
C GLN B 306 -18.15 3.76 33.19
N GLU B 307 -17.73 4.91 33.71
CA GLU B 307 -17.86 6.18 32.99
C GLU B 307 -17.55 6.02 31.47
N LYS B 308 -18.49 6.43 30.60
CA LYS B 308 -18.38 6.21 29.15
C LYS B 308 -17.17 6.91 28.51
N ILE B 309 -16.41 6.17 27.71
CA ILE B 309 -15.25 6.70 26.95
C ILE B 309 -15.56 6.74 25.44
N ASP B 310 -14.80 7.56 24.70
CA ASP B 310 -15.05 7.78 23.28
C ASP B 310 -14.21 6.87 22.39
N PHE B 311 -13.00 6.54 22.84
CA PHE B 311 -12.13 5.66 22.05
C PHE B 311 -11.19 4.86 22.93
N VAL B 312 -10.64 3.81 22.32
CA VAL B 312 -9.63 2.98 22.96
C VAL B 312 -8.38 3.11 22.12
N GLY B 313 -7.28 3.49 22.76
CA GLY B 313 -5.99 3.53 22.11
C GLY B 313 -5.28 2.21 22.37
N LEU B 314 -4.78 1.57 21.30
CA LEU B 314 -3.98 0.37 21.49
C LEU B 314 -2.57 0.67 21.04
N ASN B 315 -1.60 0.35 21.89
CA ASN B 315 -0.20 0.32 21.50
C ASN B 315 0.19 -1.10 21.21
N TYR B 316 1.07 -1.29 20.24
CA TYR B 316 1.50 -2.64 19.88
C TYR B 316 2.94 -2.65 19.35
N TYR B 317 3.70 -3.63 19.83
CA TYR B 317 5.09 -3.77 19.41
C TYR B 317 5.49 -5.21 19.09
N SER B 318 5.09 -6.18 19.89
CA SER B 318 5.66 -7.51 19.68
C SER B 318 4.76 -8.62 20.11
N GLY B 319 5.19 -9.85 19.82
CA GLY B 319 4.50 -11.07 20.23
C GLY B 319 5.39 -11.93 21.10
N HIS B 320 4.78 -12.88 21.82
CA HIS B 320 5.48 -13.65 22.82
C HIS B 320 4.92 -15.07 22.83
N LEU B 321 5.81 -16.04 22.85
CA LEU B 321 5.39 -17.41 23.01
C LEU B 321 5.34 -17.67 24.50
N VAL B 322 4.26 -18.25 25.00
CA VAL B 322 4.18 -18.50 26.44
C VAL B 322 3.73 -19.91 26.73
N LYS B 323 4.10 -20.37 27.91
CA LYS B 323 3.80 -21.71 28.35
C LYS B 323 3.39 -21.62 29.80
N PHE B 324 2.51 -22.53 30.19
CA PHE B 324 2.25 -22.75 31.59
C PHE B 324 3.54 -23.24 32.24
N ASP B 325 3.81 -22.74 33.44
CA ASP B 325 5.03 -23.11 34.16
C ASP B 325 4.72 -22.97 35.64
N PRO B 326 4.67 -24.11 36.35
CA PRO B 326 4.15 -24.13 37.73
C PRO B 326 5.09 -23.46 38.74
N ASP B 327 6.28 -23.06 38.29
CA ASP B 327 7.28 -22.46 39.17
C ASP B 327 7.31 -20.93 39.00
N ALA B 328 6.74 -20.44 37.90
CA ALA B 328 6.73 -19.01 37.58
C ALA B 328 5.79 -18.23 38.48
N ALA B 330 3.48 -16.04 38.22
CA ALA B 330 2.06 -16.08 37.84
C ALA B 330 1.69 -17.38 37.10
N LYS B 331 2.54 -18.40 37.25
CA LYS B 331 2.41 -19.70 36.56
C LYS B 331 2.52 -19.61 35.03
N VAL B 332 3.28 -18.63 34.56
CA VAL B 332 3.51 -18.42 33.13
C VAL B 332 4.96 -18.01 32.86
N SER B 333 5.60 -18.64 31.88
CA SER B 333 6.92 -18.19 31.42
C SER B 333 6.95 -17.90 29.92
N PHE B 334 7.80 -16.97 29.51
CA PHE B 334 7.99 -16.72 28.09
C PHE B 334 9.00 -17.73 27.56
N VAL B 335 8.80 -18.17 26.33
CA VAL B 335 9.77 -19.05 25.70
C VAL B 335 10.27 -18.39 24.42
N GLU B 336 11.59 -18.34 24.29
CA GLU B 336 12.20 -17.62 23.18
C GLU B 336 11.95 -18.33 21.87
N ARG B 337 11.84 -17.53 20.81
CA ARG B 337 11.63 -18.00 19.46
C ARG B 337 12.68 -17.37 18.56
N ASP B 338 13.06 -18.11 17.54
CA ASP B 338 14.06 -17.69 16.57
C ASP B 338 13.44 -16.84 15.47
N LEU B 339 12.69 -15.80 15.86
CA LEU B 339 12.09 -14.91 14.89
C LEU B 339 12.97 -13.67 14.76
N PRO B 340 12.78 -12.86 13.70
CA PRO B 340 13.49 -11.58 13.69
C PRO B 340 13.14 -10.74 14.93
N LYS B 341 14.14 -10.03 15.46
CA LYS B 341 14.04 -9.28 16.72
C LYS B 341 14.47 -7.84 16.54
N THR B 342 13.87 -6.92 17.29
CA THR B 342 14.38 -5.54 17.30
C THR B 342 15.57 -5.43 18.26
N ALA B 343 16.17 -4.25 18.36
CA ALA B 343 17.24 -4.00 19.34
C ALA B 343 16.80 -4.20 20.81
N MET B 344 15.49 -4.20 21.07
CA MET B 344 14.97 -4.48 22.40
C MET B 344 14.93 -5.99 22.63
N GLY B 345 15.14 -6.77 21.57
CA GLY B 345 14.97 -8.21 21.65
C GLY B 345 13.52 -8.62 21.49
N TRP B 346 12.68 -7.71 21.01
CA TRP B 346 11.26 -8.02 20.88
C TRP B 346 11.00 -8.70 19.55
N GLU B 347 10.30 -9.84 19.59
CA GLU B 347 9.98 -10.62 18.40
C GLU B 347 9.01 -9.87 17.50
N ILE B 348 9.35 -9.76 16.22
CA ILE B 348 8.58 -9.00 15.25
C ILE B 348 7.48 -9.89 14.69
N VAL B 349 6.22 -9.60 15.07
CA VAL B 349 5.08 -10.43 14.71
C VAL B 349 3.92 -9.57 14.21
N PRO B 350 4.00 -9.12 12.95
CA PRO B 350 3.07 -8.08 12.52
C PRO B 350 1.60 -8.49 12.58
N GLU B 351 1.31 -9.78 12.56
CA GLU B 351 -0.09 -10.24 12.59
C GLU B 351 -0.73 -10.10 13.99
N GLY B 352 0.08 -9.75 15.00
CA GLY B 352 -0.42 -9.43 16.32
C GLY B 352 -1.22 -8.15 16.36
N ILE B 353 -0.86 -7.18 15.51
CA ILE B 353 -1.61 -5.93 15.45
C ILE B 353 -2.99 -6.12 14.83
N TYR B 354 -3.10 -7.05 13.90
CA TYR B 354 -4.40 -7.46 13.35
C TYR B 354 -5.23 -8.14 14.45
N TRP B 355 -4.59 -9.11 15.11
CA TRP B 355 -5.24 -9.93 16.12
C TRP B 355 -5.79 -9.06 17.25
N ILE B 356 -4.99 -8.09 17.73
CA ILE B 356 -5.41 -7.27 18.87
C ILE B 356 -6.56 -6.36 18.48
N LEU B 357 -6.55 -5.95 17.22
CA LEU B 357 -7.60 -5.10 16.69
C LEU B 357 -8.94 -5.86 16.59
N LYS B 358 -8.89 -7.06 16.02
CA LYS B 358 -10.08 -7.90 15.94
C LYS B 358 -10.59 -8.21 17.32
N LYS B 359 -9.67 -8.62 18.19
CA LYS B 359 -10.01 -9.05 19.55
C LYS B 359 -10.76 -8.04 20.36
N VAL B 360 -10.32 -6.78 20.26
CA VAL B 360 -10.94 -5.73 21.03
C VAL B 360 -12.35 -5.43 20.55
N LYS B 361 -12.57 -5.53 19.23
CA LYS B 361 -13.91 -5.36 18.68
C LYS B 361 -14.77 -6.53 19.18
N GLU B 362 -14.26 -7.75 19.09
CA GLU B 362 -15.00 -8.93 19.57
C GLU B 362 -15.40 -8.90 21.03
N GLU B 363 -14.47 -8.43 21.88
CA GLU B 363 -14.71 -8.48 23.32
C GLU B 363 -15.47 -7.27 23.84
N TYR B 364 -15.12 -6.07 23.41
CA TYR B 364 -15.69 -4.86 24.02
C TYR B 364 -16.40 -3.93 23.03
N ASN B 365 -16.19 -4.18 21.74
CA ASN B 365 -16.82 -3.39 20.69
C ASN B 365 -16.78 -1.87 20.93
N PRO B 366 -15.57 -1.30 21.11
CA PRO B 366 -15.47 0.16 21.29
C PRO B 366 -15.91 0.90 20.02
N PRO B 367 -16.49 2.09 20.16
CA PRO B 367 -16.97 2.79 18.95
C PRO B 367 -15.84 3.23 18.03
N GLU B 368 -14.68 3.58 18.60
CA GLU B 368 -13.52 3.99 17.85
C GLU B 368 -12.28 3.37 18.46
N VAL B 369 -11.34 2.98 17.62
CA VAL B 369 -10.05 2.47 18.07
C VAL B 369 -8.95 3.24 17.35
N TYR B 370 -7.88 3.55 18.07
CA TYR B 370 -6.67 4.10 17.44
C TYR B 370 -5.49 3.22 17.76
N ILE B 371 -4.55 3.10 16.82
CA ILE B 371 -3.23 2.57 17.16
C ILE B 371 -2.44 3.77 17.64
N THR B 372 -2.25 3.88 18.96
CA THR B 372 -1.61 5.06 19.55
C THR B 372 -0.10 4.98 19.56
N GLU B 373 0.43 3.80 19.31
CA GLU B 373 1.88 3.59 19.22
C GLU B 373 2.20 2.30 18.53
N ASN B 374 3.11 2.38 17.57
CA ASN B 374 3.63 1.19 16.91
C ASN B 374 4.96 1.65 16.34
N GLY B 375 6.01 0.84 16.50
CA GLY B 375 7.33 1.29 16.07
C GLY B 375 8.37 0.26 16.42
N ALA B 376 9.62 0.61 16.16
CA ALA B 376 10.72 -0.33 16.43
C ALA B 376 12.00 0.39 16.80
N ALA B 377 12.84 -0.32 17.55
CA ALA B 377 14.18 0.15 17.88
C ALA B 377 15.17 -0.71 17.11
N PHE B 378 16.07 -0.05 16.39
CA PHE B 378 17.14 -0.71 15.67
C PHE B 378 18.41 0.11 15.87
N ASP B 379 19.55 -0.53 15.70
CA ASP B 379 20.84 0.11 15.87
C ASP B 379 21.12 1.00 14.65
N ASP B 380 20.47 2.16 14.59
CA ASP B 380 20.65 3.12 13.51
C ASP B 380 22.03 3.75 13.51
N VAL B 381 22.60 3.87 12.32
CA VAL B 381 23.84 4.64 12.14
C VAL B 381 23.65 5.64 11.01
N VAL B 382 24.26 6.80 11.18
CA VAL B 382 24.36 7.78 10.10
C VAL B 382 25.50 7.34 9.14
N SER B 383 25.13 7.05 7.90
CA SER B 383 26.08 6.59 6.88
C SER B 383 26.93 7.76 6.37
N GLU B 384 28.00 7.41 5.65
CA GLU B 384 28.89 8.39 5.01
C GLU B 384 28.09 9.39 4.18
N ASP B 385 27.05 8.90 3.50
CA ASP B 385 26.17 9.79 2.71
C ASP B 385 25.26 10.70 3.55
N GLY B 386 25.39 10.64 4.88
CA GLY B 386 24.69 11.55 5.79
C GLY B 386 23.24 11.21 6.10
N ARG B 387 22.83 9.99 5.73
CA ARG B 387 21.45 9.54 5.94
C ARG B 387 21.40 8.28 6.81
N VAL B 388 20.18 7.88 7.18
CA VAL B 388 19.99 6.72 8.03
C VAL B 388 19.14 5.68 7.29
N HIS B 389 19.80 4.65 6.79
CA HIS B 389 19.12 3.69 5.94
C HIS B 389 18.53 2.56 6.77
N ASP B 390 17.33 2.85 7.30
CA ASP B 390 16.61 1.92 8.18
C ASP B 390 15.56 1.13 7.43
N GLN B 391 16.02 0.26 6.53
CA GLN B 391 15.09 -0.61 5.81
C GLN B 391 14.39 -1.51 6.81
N ASN B 392 15.11 -1.92 7.86
CA ASN B 392 14.57 -2.76 8.93
C ASN B 392 13.31 -2.15 9.58
N ARG B 393 13.33 -0.83 9.75
CA ARG B 393 12.19 -0.07 10.34
C ARG B 393 11.09 0.13 9.31
N ILE B 394 11.48 0.40 8.06
CA ILE B 394 10.51 0.54 6.98
C ILE B 394 9.74 -0.78 6.89
N ASP B 395 10.50 -1.88 6.82
CA ASP B 395 9.94 -3.21 6.75
C ASP B 395 8.97 -3.46 7.91
N TYR B 396 9.39 -3.06 9.11
CA TYR B 396 8.58 -3.29 10.32
C TYR B 396 7.27 -2.51 10.20
N LEU B 397 7.36 -1.21 9.97
CA LEU B 397 6.17 -0.38 9.89
C LEU B 397 5.24 -0.84 8.78
N LYS B 398 5.81 -1.06 7.58
CA LYS B 398 5.05 -1.49 6.38
C LYS B 398 4.17 -2.69 6.71
N ALA B 399 4.76 -3.67 7.37
CA ALA B 399 4.09 -4.92 7.66
C ALA B 399 2.93 -4.75 8.66
N HIS B 400 3.11 -3.85 9.63
CA HIS B 400 2.06 -3.60 10.63
C HIS B 400 0.96 -2.70 10.11
N ILE B 401 1.31 -1.63 9.40
CA ILE B 401 0.31 -0.81 8.72
C ILE B 401 -0.57 -1.64 7.78
N GLY B 402 0.02 -2.67 7.15
CA GLY B 402 -0.76 -3.59 6.29
C GLY B 402 -1.70 -4.51 7.05
N GLN B 403 -1.27 -4.94 8.24
CA GLN B 403 -2.11 -5.78 9.10
C GLN B 403 -3.22 -4.95 9.73
N ALA B 404 -2.96 -3.66 9.95
CA ALA B 404 -3.96 -2.72 10.43
C ALA B 404 -4.98 -2.43 9.33
N TRP B 405 -4.49 -2.36 8.11
CA TRP B 405 -5.37 -2.17 6.94
C TRP B 405 -6.36 -3.31 6.87
N LYS B 406 -5.84 -4.53 7.03
CA LYS B 406 -6.63 -5.76 7.00
C LYS B 406 -7.76 -5.62 8.01
N ALA B 407 -7.40 -5.40 9.29
CA ALA B 407 -8.39 -5.16 10.33
C ALA B 407 -9.52 -4.21 9.94
N ILE B 408 -9.19 -3.06 9.34
CA ILE B 408 -10.23 -2.17 8.84
C ILE B 408 -11.17 -2.85 7.82
N GLN B 409 -10.60 -3.64 6.92
CA GLN B 409 -11.40 -4.36 5.92
C GLN B 409 -12.42 -5.27 6.58
N GLU B 410 -12.05 -5.91 7.69
CA GLU B 410 -13.00 -6.71 8.46
C GLU B 410 -13.90 -5.91 9.42
N GLY B 411 -13.94 -4.59 9.28
CA GLY B 411 -14.89 -3.77 10.05
C GLY B 411 -14.51 -3.23 11.42
N VAL B 412 -13.24 -3.44 11.83
CA VAL B 412 -12.69 -2.78 13.04
C VAL B 412 -12.68 -1.27 12.82
N PRO B 413 -13.34 -0.49 13.69
CA PRO B 413 -13.41 0.97 13.52
C PRO B 413 -12.11 1.70 13.83
N LEU B 414 -11.02 1.34 13.16
CA LEU B 414 -9.72 1.95 13.39
C LEU B 414 -9.69 3.32 12.74
N LYS B 415 -9.50 4.37 13.54
CA LYS B 415 -9.60 5.76 13.05
C LYS B 415 -8.25 6.45 12.79
N GLY B 416 -7.15 5.82 13.21
CA GLY B 416 -5.84 6.47 13.15
C GLY B 416 -4.72 5.53 13.55
N TYR B 417 -3.49 5.94 13.21
CA TYR B 417 -2.29 5.16 13.46
C TYR B 417 -1.19 6.14 13.81
N PHE B 418 -0.50 5.92 14.92
CA PHE B 418 0.64 6.79 15.32
C PHE B 418 1.90 5.97 15.46
N VAL B 419 2.98 6.50 14.86
CA VAL B 419 4.29 5.87 14.96
C VAL B 419 4.93 6.32 16.26
N TRP B 420 5.46 5.36 17.02
CA TRP B 420 6.38 5.73 18.08
C TRP B 420 7.74 5.48 17.50
N SER B 421 8.59 6.50 17.43
CA SER B 421 8.28 7.87 17.81
C SER B 421 8.73 8.83 16.68
N LEU B 422 8.28 10.09 16.73
CA LEU B 422 8.93 11.13 15.92
C LEU B 422 10.46 11.12 16.09
N LEU B 423 10.93 11.16 17.35
CA LEU B 423 12.34 11.36 17.63
C LEU B 423 12.90 10.19 18.40
N ASP B 424 14.18 9.86 18.16
CA ASP B 424 14.93 9.05 19.12
C ASP B 424 14.83 9.78 20.47
N ASN B 425 14.81 9.01 21.56
CA ASN B 425 14.59 9.66 22.84
C ASN B 425 15.03 8.82 24.02
N PHE B 426 14.76 9.31 25.23
CA PHE B 426 15.02 8.56 26.48
C PHE B 426 14.09 7.35 26.63
N GLU B 427 14.62 6.15 26.37
CA GLU B 427 13.82 4.93 26.46
C GLU B 427 13.76 4.39 27.90
N TRP B 428 13.33 5.24 28.82
CA TRP B 428 13.17 4.83 30.23
C TRP B 428 14.40 4.11 30.85
N ALA B 429 14.21 2.96 31.50
CA ALA B 429 15.37 2.22 32.07
C ALA B 429 16.48 1.89 31.06
N GLU B 430 16.16 1.93 29.77
CA GLU B 430 17.18 1.65 28.74
C GLU B 430 18.00 2.89 28.40
N GLY B 431 17.51 4.05 28.83
CA GLY B 431 18.16 5.33 28.52
C GLY B 431 18.15 5.63 27.03
N TYR B 432 19.23 6.25 26.56
CA TYR B 432 19.34 6.70 25.16
C TYR B 432 19.82 5.63 24.19
N SER B 433 20.02 4.42 24.69
CA SER B 433 20.59 3.31 23.93
C SER B 433 19.63 2.68 22.94
N LYS B 434 18.35 2.98 23.07
CA LYS B 434 17.36 2.41 22.17
C LYS B 434 16.72 3.54 21.41
N ARG B 435 16.75 3.40 20.09
CA ARG B 435 16.33 4.47 19.17
C ARG B 435 15.07 4.08 18.42
N PHE B 436 13.98 4.79 18.67
CA PHE B 436 12.67 4.39 18.15
C PHE B 436 12.23 5.40 17.08
N GLY B 437 13.03 6.45 16.89
CA GLY B 437 12.58 7.57 16.05
C GLY B 437 12.49 7.24 14.56
N ILE B 438 11.66 8.00 13.85
CA ILE B 438 11.73 8.07 12.39
C ILE B 438 12.56 9.31 12.03
N VAL B 439 12.86 10.13 13.05
CA VAL B 439 13.92 11.15 13.02
C VAL B 439 15.06 10.76 13.99
N TYR B 440 16.30 10.75 13.47
CA TYR B 440 17.51 10.52 14.26
C TYR B 440 17.85 11.76 15.07
N VAL B 441 18.38 11.57 16.27
CA VAL B 441 18.83 12.71 17.07
C VAL B 441 20.27 12.41 17.48
N ASP B 442 21.17 13.31 17.09
CA ASP B 442 22.56 13.23 17.46
C ASP B 442 22.61 13.98 18.78
N TYR B 443 22.80 13.25 19.87
CA TYR B 443 22.75 13.85 21.22
C TYR B 443 23.88 14.82 21.50
N SER B 444 25.03 14.58 20.87
CA SER B 444 26.18 15.48 21.02
C SER B 444 25.90 16.87 20.45
N THR B 445 25.12 16.95 19.37
CA THR B 445 24.82 18.26 18.76
C THR B 445 23.34 18.68 18.76
N GLN B 446 22.46 17.74 19.14
CA GLN B 446 21.00 17.90 19.03
C GLN B 446 20.49 18.00 17.59
N LYS B 447 21.26 17.48 16.63
CA LYS B 447 20.86 17.55 15.22
C LYS B 447 19.80 16.51 14.94
N ARG B 448 18.76 16.92 14.21
CA ARG B 448 17.74 16.04 13.69
C ARG B 448 18.12 15.60 12.26
N ILE B 449 18.05 14.28 12.00
CA ILE B 449 18.19 13.70 10.65
C ILE B 449 17.01 12.76 10.38
N VAL B 450 16.10 13.19 9.49
CA VAL B 450 14.99 12.34 9.04
C VAL B 450 15.57 11.05 8.50
N LYS B 451 15.09 9.92 9.02
CA LYS B 451 15.58 8.63 8.58
C LYS B 451 14.84 8.28 7.30
N ASP B 452 15.28 7.24 6.61
CA ASP B 452 14.54 6.78 5.43
C ASP B 452 13.09 6.43 5.82
N SER B 453 12.94 5.70 6.94
CA SER B 453 11.64 5.47 7.61
C SER B 453 10.74 6.67 7.58
N GLY B 454 11.32 7.81 7.93
CA GLY B 454 10.60 9.06 7.99
C GLY B 454 10.12 9.53 6.63
N TYR B 455 10.97 9.38 5.60
CA TYR B 455 10.58 9.80 4.25
C TYR B 455 9.54 8.84 3.73
N TRP B 456 9.75 7.55 3.99
CA TRP B 456 8.81 6.51 3.63
C TRP B 456 7.39 6.75 4.21
N TYR B 457 7.34 7.03 5.52
CA TYR B 457 6.09 7.24 6.19
C TYR B 457 5.44 8.53 5.71
N SER B 458 6.27 9.51 5.38
CA SER B 458 5.82 10.75 4.77
C SER B 458 5.03 10.48 3.48
N ASN B 459 5.50 9.50 2.70
CA ASN B 459 4.82 9.06 1.49
C ASN B 459 3.49 8.39 1.78
N VAL B 460 3.50 7.47 2.74
CA VAL B 460 2.29 6.78 3.24
C VAL B 460 1.19 7.76 3.63
N VAL B 461 1.53 8.82 4.37
CA VAL B 461 0.50 9.79 4.78
C VAL B 461 -0.05 10.56 3.59
N LYS B 462 0.85 11.04 2.73
CA LYS B 462 0.51 11.74 1.47
C LYS B 462 -0.43 10.88 0.61
N ASN B 463 -0.14 9.57 0.56
CA ASN B 463 -0.89 8.58 -0.22
C ASN B 463 -2.08 7.97 0.49
N ASN B 464 -2.29 8.31 1.77
CA ASN B 464 -3.26 7.61 2.64
C ASN B 464 -3.17 6.09 2.61
N GLY B 465 -1.96 5.54 2.60
CA GLY B 465 -1.82 4.11 2.63
C GLY B 465 -0.57 3.64 1.93
N LEU B 466 -0.49 2.34 1.68
CA LEU B 466 0.72 1.71 1.15
C LEU B 466 0.63 1.53 -0.36
C6 OXZ C . 1.53 -4.28 -18.52
C5 OXZ C . 1.11 -4.04 -19.97
C4 OXZ C . 0.97 -2.53 -20.30
C3 OXZ C . 0.62 -2.40 -21.80
C2 OXZ C . -0.72 -3.10 -22.09
O6 OXZ C . 0.52 -3.84 -17.61
O5 OXZ C . -0.18 -4.61 -20.18
O4 OXZ C . 2.16 -1.81 -20.00
O3 OXZ C . 0.55 -1.06 -22.27
N1 OXZ C . -0.72 -4.47 -21.57
C6 OXZ D . 8.42 1.79 23.74
C5 OXZ D . 7.36 2.84 24.10
C4 OXZ D . 7.84 3.85 25.15
C3 OXZ D . 6.66 4.81 25.41
C2 OXZ D . 5.43 4.10 25.96
O6 OXZ D . 8.91 1.12 24.91
O5 OXZ D . 6.28 2.14 24.67
O4 OXZ D . 8.96 4.61 24.70
O3 OXZ D . 7.02 5.87 26.26
N1 OXZ D . 5.10 2.99 25.06
#